data_7KN7
#
_entry.id   7KN7
#
_cell.length_a   192.400
_cell.length_b   105.879
_cell.length_c   55.746
_cell.angle_alpha   90.000
_cell.angle_beta   101.858
_cell.angle_gamma   90.000
#
_symmetry.space_group_name_H-M   'C 1 2 1'
#
loop_
_entity.id
_entity.type
_entity.pdbx_description
1 polymer 'Spike protein S1'
2 polymer 'VHH W'
3 polymer 'CC12.3 Fab heavy chain'
4 polymer 'CC12.3 Fab light chain'
5 non-polymer 2-acetamido-2-deoxy-beta-D-glucopyranose
#
loop_
_entity_poly.entity_id
_entity_poly.type
_entity_poly.pdbx_seq_one_letter_code
_entity_poly.pdbx_strand_id
1 'polypeptide(L)'
;RVQPTESIVRFPNITNLCPFGEVFNATRFASVYAWNRKRISNCVADYSVLYNSASFSTFKCYGVSPTKLNDLCFTNVYAD
SFVIRGDEVRQIAPGQTGKIADYNYKLPDDFTGCVIAWNSNNLDSKVGGNYNYLYRLFRKSNLKPFERDISTEIYQAGST
PCNGVEGFNCYFPLQSYGFQPTNGVGYQPYRVVVLSFELLHAPATVCGPKKSTNLVKNKCVNFSGHHHHHH
;
A
2 'polypeptide(L)'
;QVQLVESGGGLVQPGGSLRLSCAASGFTLDYYAIGWFRQAPGKEREGVSCISSSGDSTHYVDSVKGRFTISRDNAKNTVY
LQMNSLKPEDTAVYYCAAQSGSYYWCGSDWHEYDYRGQGTQVTVSSGGLPETGGHHHHHH
;
B
3 'polypeptide(L)'
;QVQLVESGGGLIQPGGSLRLSCAASGFTVSSNYMSWVRQAPGKGLEWVSVIYSGGSTFYADSVKGRFTISRDNSKSTLYL
QMNSLRVEDTAVYYCARDFGDFYFDYWGQGTLVTVSSASTKGPSVFPLAPSSKSTSGGTAALGCLVKDYFPEPVTVSWNS
GALTSGVHTFPAVLQSSGLYSLSSVVTVPSSSLGTQTYICNVNHKPSNTKVDKKVEPKSC
;
H
4 'polypeptide(L)'
;EIVLTQSPGTLSLSPGERATLSCRASQSVSSYLAWYQQKPGQAPRLLIYGASSRATGIPDRFSGSGSGTDFTLTISRLEP
EDFAVYYCQQYGSSPRTFGQGTKLEIKRTVAAPSVFIFPPSDEQLKSGTASVVCLLNNFYPREAKVQWKVDNALQSGNSQ
ESVTEQDSKDSTYSLSSTLTLSKADYEKHKVYACEVTHQGLSSPVTKSFNRGEC
;
L
#
# COMPACT_ATOMS: atom_id res chain seq x y z
N ASN A 16 19.12 -17.22 50.94
CA ASN A 16 18.93 -17.50 49.52
C ASN A 16 18.24 -16.33 48.81
N LEU A 17 18.90 -15.80 47.79
CA LEU A 17 18.37 -14.70 46.97
C LEU A 17 18.10 -15.22 45.58
N CYS A 18 17.01 -14.73 44.98
CA CYS A 18 16.52 -15.35 43.75
C CYS A 18 17.49 -15.14 42.60
N PRO A 19 17.68 -16.14 41.73
CA PRO A 19 18.77 -16.12 40.72
C PRO A 19 18.38 -15.33 39.47
N PHE A 20 18.09 -14.04 39.66
CA PHE A 20 17.63 -13.23 38.54
C PHE A 20 18.77 -12.86 37.59
N GLY A 21 20.01 -12.77 38.09
CA GLY A 21 21.12 -12.50 37.22
C GLY A 21 21.34 -13.61 36.21
N GLU A 22 21.11 -14.85 36.62
CA GLU A 22 21.23 -15.98 35.69
C GLU A 22 20.22 -15.87 34.56
N VAL A 23 19.05 -15.26 34.81
CA VAL A 23 18.05 -15.10 33.78
C VAL A 23 18.36 -13.89 32.89
N PHE A 24 18.49 -12.72 33.51
CA PHE A 24 18.66 -11.48 32.75
C PHE A 24 20.04 -11.40 32.11
N ASN A 25 21.08 -11.77 32.84
CA ASN A 25 22.45 -11.59 32.41
C ASN A 25 23.04 -12.82 31.74
N ALA A 26 22.21 -13.82 31.40
CA ALA A 26 22.69 -15.02 30.74
C ALA A 26 23.40 -14.69 29.44
N THR A 27 24.51 -15.38 29.18
CA THR A 27 25.31 -15.14 27.98
C THR A 27 24.46 -15.28 26.73
N ARG A 28 23.68 -16.35 26.64
CA ARG A 28 22.89 -16.64 25.46
C ARG A 28 21.43 -16.82 25.84
N PHE A 29 20.53 -16.32 24.99
CA PHE A 29 19.09 -16.43 25.20
C PHE A 29 18.50 -17.47 24.26
N ALA A 30 17.28 -17.87 24.57
CA ALA A 30 16.58 -18.84 23.73
C ALA A 30 15.86 -18.15 22.57
N SER A 31 15.65 -18.90 21.50
CA SER A 31 14.79 -18.44 20.43
C SER A 31 13.33 -18.62 20.83
N VAL A 32 12.47 -17.74 20.30
CA VAL A 32 11.13 -17.58 20.86
C VAL A 32 10.29 -18.85 20.67
N TYR A 33 10.49 -19.57 19.56
CA TYR A 33 9.74 -20.80 19.37
C TYR A 33 10.11 -21.85 20.41
N ALA A 34 11.35 -21.80 20.93
CA ALA A 34 11.80 -22.71 21.96
C ALA A 34 12.15 -21.94 23.22
N TRP A 35 11.22 -21.09 23.67
CA TRP A 35 11.48 -20.14 24.75
C TRP A 35 11.87 -20.86 26.03
N ASN A 36 12.68 -20.19 26.84
CA ASN A 36 13.14 -20.78 28.09
C ASN A 36 12.21 -20.42 29.24
N ARG A 37 12.14 -21.33 30.23
CA ARG A 37 11.25 -21.24 31.37
C ARG A 37 12.03 -21.69 32.60
N LYS A 38 12.19 -20.81 33.58
CA LYS A 38 12.88 -21.13 34.82
C LYS A 38 11.97 -20.91 36.02
N ARG A 39 11.85 -21.92 36.86
CA ARG A 39 11.12 -21.80 38.11
C ARG A 39 11.97 -21.09 39.15
N ILE A 40 11.34 -20.22 39.93
CA ILE A 40 12.00 -19.43 40.96
C ILE A 40 11.34 -19.80 42.27
N SER A 41 12.07 -20.52 43.14
CA SER A 41 11.46 -21.16 44.30
C SER A 41 12.33 -21.00 45.54
N ASN A 42 11.68 -20.76 46.68
CA ASN A 42 12.30 -20.56 47.99
C ASN A 42 13.57 -19.72 47.89
N CYS A 43 13.32 -18.44 47.62
CA CYS A 43 14.33 -17.38 47.71
C CYS A 43 13.62 -16.07 48.02
N VAL A 44 14.40 -15.06 48.36
CA VAL A 44 13.90 -13.71 48.54
C VAL A 44 14.23 -12.92 47.28
N ALA A 45 13.25 -12.23 46.73
CA ALA A 45 13.36 -11.56 45.44
C ALA A 45 13.29 -10.05 45.60
N ASP A 46 14.22 -9.35 44.97
CA ASP A 46 14.22 -7.89 44.93
C ASP A 46 13.84 -7.44 43.52
N TYR A 47 12.59 -6.99 43.36
CA TYR A 47 12.11 -6.47 42.09
C TYR A 47 12.34 -4.97 41.94
N SER A 48 12.55 -4.25 43.04
CA SER A 48 12.86 -2.83 42.96
C SER A 48 14.22 -2.58 42.33
N VAL A 49 15.13 -3.55 42.40
CA VAL A 49 16.36 -3.47 41.62
C VAL A 49 16.03 -3.42 40.13
N LEU A 50 15.05 -4.22 39.71
CA LEU A 50 14.71 -4.31 38.29
C LEU A 50 13.96 -3.07 37.82
N TYR A 51 12.92 -2.66 38.56
CA TYR A 51 12.07 -1.58 38.07
C TYR A 51 12.79 -0.23 38.10
N ASN A 52 13.56 0.03 39.16
CA ASN A 52 14.20 1.34 39.31
C ASN A 52 15.61 1.28 38.72
N SER A 53 15.65 1.33 37.40
CA SER A 53 16.88 1.43 36.64
C SER A 53 16.56 2.12 35.32
N ALA A 54 17.59 2.32 34.51
CA ALA A 54 17.43 2.88 33.17
C ALA A 54 17.45 1.80 32.09
N SER A 55 17.42 0.53 32.48
CA SER A 55 17.82 -0.54 31.58
C SER A 55 16.74 -0.94 30.58
N PHE A 56 15.49 -1.05 31.03
CA PHE A 56 14.46 -1.77 30.29
C PHE A 56 13.54 -0.79 29.57
N SER A 57 13.52 -0.88 28.24
CA SER A 57 12.62 -0.04 27.45
C SER A 57 11.17 -0.49 27.59
N THR A 58 10.93 -1.78 27.85
CA THR A 58 9.60 -2.25 28.22
C THR A 58 9.63 -2.82 29.62
N PHE A 59 8.69 -2.36 30.47
CA PHE A 59 8.50 -2.91 31.80
C PHE A 59 7.04 -2.72 32.18
N LYS A 60 6.18 -3.64 31.74
CA LYS A 60 4.74 -3.53 31.89
C LYS A 60 4.24 -4.58 32.86
N CYS A 61 3.42 -4.17 33.82
CA CYS A 61 2.89 -5.12 34.78
C CYS A 61 1.37 -5.19 34.71
N TYR A 62 0.85 -6.42 34.86
CA TYR A 62 -0.56 -6.73 34.71
C TYR A 62 -1.02 -7.41 35.99
N GLY A 63 -2.02 -6.83 36.64
CA GLY A 63 -2.51 -7.34 37.91
C GLY A 63 -1.75 -6.85 39.11
N VAL A 64 -0.65 -6.13 38.93
CA VAL A 64 0.17 -5.61 40.01
C VAL A 64 0.70 -4.24 39.59
N SER A 65 1.27 -3.54 40.53
CA SER A 65 1.96 -2.31 40.20
C SER A 65 3.46 -2.50 40.33
N PRO A 66 4.25 -1.89 39.44
CA PRO A 66 5.71 -2.01 39.58
C PRO A 66 6.21 -1.45 40.90
N THR A 67 5.54 -0.43 41.41
CA THR A 67 5.85 0.15 42.71
C THR A 67 5.93 -0.91 43.79
N LYS A 68 4.90 -1.76 43.87
CA LYS A 68 4.68 -2.61 45.03
C LYS A 68 5.04 -4.07 44.77
N LEU A 69 6.09 -4.35 44.00
CA LEU A 69 6.40 -5.73 43.63
C LEU A 69 7.09 -6.49 44.76
N ASN A 70 7.84 -5.82 45.61
CA ASN A 70 8.62 -6.53 46.63
C ASN A 70 7.72 -7.07 47.74
N ASP A 71 6.70 -6.32 48.14
CA ASP A 71 5.86 -6.68 49.28
C ASP A 71 4.63 -7.47 48.81
N LEU A 72 4.90 -8.57 48.13
CA LEU A 72 3.89 -9.52 47.69
C LEU A 72 4.52 -10.92 47.63
N CYS A 73 3.67 -11.94 47.80
CA CYS A 73 4.12 -13.33 47.88
C CYS A 73 3.30 -14.21 46.92
N PHE A 74 3.99 -15.20 46.32
CA PHE A 74 3.40 -16.02 45.27
C PHE A 74 3.70 -17.47 45.55
N THR A 75 2.86 -18.35 45.00
CA THR A 75 3.04 -19.79 45.22
C THR A 75 4.37 -20.26 44.64
N ASN A 76 4.62 -19.97 43.36
CA ASN A 76 5.99 -19.76 42.88
C ASN A 76 5.94 -19.10 41.51
N VAL A 77 7.08 -18.54 41.12
CA VAL A 77 7.19 -17.62 40.00
C VAL A 77 7.88 -18.32 38.85
N TYR A 78 7.50 -17.94 37.63
CA TYR A 78 8.17 -18.42 36.43
C TYR A 78 8.79 -17.26 35.67
N ALA A 79 10.03 -17.44 35.26
CA ALA A 79 10.75 -16.48 34.42
C ALA A 79 10.91 -17.12 33.04
N ASP A 80 10.10 -16.68 32.08
CA ASP A 80 10.25 -17.06 30.69
C ASP A 80 11.15 -16.05 30.02
N SER A 81 11.92 -16.49 29.04
CA SER A 81 12.83 -15.58 28.37
C SER A 81 13.12 -16.05 26.96
N PHE A 82 13.37 -15.07 26.09
CA PHE A 82 13.61 -15.33 24.67
C PHE A 82 14.05 -14.02 24.01
N VAL A 83 14.23 -14.06 22.69
CA VAL A 83 14.65 -12.90 21.91
C VAL A 83 13.72 -12.76 20.72
N ILE A 84 13.24 -11.52 20.49
CA ILE A 84 12.38 -11.20 19.35
C ILE A 84 12.76 -9.81 18.87
N ARG A 85 12.24 -9.40 17.71
CA ARG A 85 12.60 -8.04 17.32
C ARG A 85 11.75 -7.04 18.09
N GLY A 86 12.19 -5.78 18.06
CA GLY A 86 11.61 -4.77 18.94
C GLY A 86 10.12 -4.55 18.71
N ASP A 87 9.73 -4.32 17.44
CA ASP A 87 8.33 -4.09 17.10
C ASP A 87 7.45 -5.34 17.25
N GLU A 88 7.99 -6.43 17.80
CA GLU A 88 7.19 -7.58 18.18
C GLU A 88 7.00 -7.70 19.68
N VAL A 89 7.72 -6.90 20.47
CA VAL A 89 7.65 -6.97 21.91
C VAL A 89 6.25 -6.62 22.40
N ARG A 90 5.51 -5.82 21.62
CA ARG A 90 4.14 -5.49 21.98
C ARG A 90 3.20 -6.69 21.86
N GLN A 91 3.60 -7.75 21.13
CA GLN A 91 2.80 -8.96 21.09
C GLN A 91 2.86 -9.76 22.38
N ILE A 92 3.86 -9.50 23.23
CA ILE A 92 3.98 -10.20 24.51
C ILE A 92 3.17 -9.45 25.55
N ALA A 93 1.85 -9.46 25.38
CA ALA A 93 0.90 -8.86 26.29
C ALA A 93 -0.39 -9.66 26.18
N PRO A 94 -1.21 -9.70 27.24
CA PRO A 94 -2.47 -10.43 27.15
C PRO A 94 -3.40 -9.80 26.13
N GLY A 95 -4.01 -10.66 25.30
CA GLY A 95 -4.96 -10.23 24.30
C GLY A 95 -4.38 -9.92 22.93
N GLN A 96 -3.07 -10.04 22.76
CA GLN A 96 -2.46 -9.67 21.50
C GLN A 96 -2.55 -10.81 20.48
N THR A 97 -2.37 -10.45 19.22
CA THR A 97 -2.35 -11.42 18.13
C THR A 97 -1.22 -11.06 17.18
N GLY A 98 -0.77 -12.06 16.43
CA GLY A 98 0.35 -11.89 15.53
C GLY A 98 1.18 -13.15 15.49
N LYS A 99 2.20 -13.18 14.63
CA LYS A 99 2.97 -14.42 14.45
C LYS A 99 3.62 -14.87 15.75
N ILE A 100 4.15 -13.94 16.53
CA ILE A 100 4.78 -14.31 17.81
C ILE A 100 3.74 -14.77 18.82
N ALA A 101 2.65 -14.01 18.96
CA ALA A 101 1.61 -14.37 19.92
C ALA A 101 0.84 -15.62 19.48
N ASP A 102 0.65 -15.81 18.18
CA ASP A 102 -0.14 -16.94 17.72
C ASP A 102 0.67 -18.23 17.67
N TYR A 103 1.95 -18.16 17.28
CA TYR A 103 2.70 -19.37 16.96
C TYR A 103 3.99 -19.56 17.76
N ASN A 104 4.26 -18.72 18.76
CA ASN A 104 5.54 -18.80 19.45
C ASN A 104 5.39 -18.74 20.95
N TYR A 105 4.91 -17.63 21.48
CA TYR A 105 4.76 -17.45 22.93
C TYR A 105 3.47 -16.69 23.18
N LYS A 106 2.55 -17.31 23.91
CA LYS A 106 1.19 -16.81 24.08
C LYS A 106 0.90 -16.57 25.55
N LEU A 107 0.51 -15.33 25.88
CA LEU A 107 0.10 -15.03 27.25
C LEU A 107 -1.42 -15.16 27.38
N PRO A 108 -1.91 -15.66 28.52
CA PRO A 108 -3.35 -15.80 28.69
C PRO A 108 -4.02 -14.45 28.85
N ASP A 109 -5.35 -14.45 28.65
CA ASP A 109 -6.10 -13.21 28.74
C ASP A 109 -6.13 -12.65 30.15
N ASP A 110 -5.98 -13.50 31.16
CA ASP A 110 -6.02 -13.08 32.56
C ASP A 110 -4.63 -13.08 33.20
N PHE A 111 -3.61 -12.73 32.43
CA PHE A 111 -2.23 -12.82 32.88
C PHE A 111 -1.97 -11.93 34.08
N THR A 112 -1.21 -12.46 35.04
CA THR A 112 -0.75 -11.72 36.22
C THR A 112 0.76 -11.82 36.28
N GLY A 113 1.44 -10.69 36.10
CA GLY A 113 2.88 -10.68 36.11
C GLY A 113 3.40 -9.49 35.34
N CYS A 114 4.70 -9.50 35.07
CA CYS A 114 5.33 -8.37 34.42
C CYS A 114 6.09 -8.83 33.18
N VAL A 115 6.20 -7.93 32.21
CA VAL A 115 6.85 -8.18 30.92
C VAL A 115 7.95 -7.15 30.76
N ILE A 116 9.19 -7.62 30.65
CA ILE A 116 10.38 -6.79 30.64
C ILE A 116 11.15 -7.06 29.36
N ALA A 117 11.63 -6.02 28.70
CA ALA A 117 12.37 -6.19 27.46
C ALA A 117 13.35 -5.05 27.27
N TRP A 118 14.54 -5.41 26.78
CA TRP A 118 15.58 -4.42 26.48
C TRP A 118 16.26 -4.77 25.17
N ASN A 119 16.69 -3.72 24.46
CA ASN A 119 17.46 -3.89 23.24
C ASN A 119 18.75 -4.65 23.53
N SER A 120 19.05 -5.62 22.67
CA SER A 120 20.23 -6.48 22.83
C SER A 120 21.07 -6.48 21.57
N ASN A 121 21.05 -5.37 20.81
CA ASN A 121 21.82 -5.27 19.58
C ASN A 121 23.30 -5.55 19.80
N ASN A 122 23.83 -5.12 20.94
CA ASN A 122 25.26 -5.30 21.20
C ASN A 122 25.63 -6.70 21.66
N LEU A 123 24.64 -7.56 21.88
CA LEU A 123 24.86 -8.95 22.27
C LEU A 123 24.48 -9.94 21.20
N ASP A 124 23.35 -9.72 20.52
CA ASP A 124 22.75 -10.72 19.65
C ASP A 124 22.86 -10.40 18.17
N SER A 125 23.44 -9.25 17.81
CA SER A 125 23.67 -8.91 16.42
C SER A 125 25.07 -9.35 15.99
N LYS A 126 25.19 -9.79 14.74
CA LYS A 126 26.48 -10.10 14.14
C LYS A 126 26.53 -9.48 12.75
N VAL A 127 27.73 -9.11 12.32
CA VAL A 127 27.91 -8.55 10.99
C VAL A 127 27.62 -9.62 9.96
N GLY A 128 26.82 -9.26 8.95
CA GLY A 128 26.39 -10.22 7.96
C GLY A 128 25.15 -11.01 8.35
N GLY A 129 24.69 -10.89 9.59
CA GLY A 129 23.47 -11.54 10.01
C GLY A 129 23.64 -12.67 11.00
N ASN A 130 22.97 -12.56 12.15
CA ASN A 130 22.89 -13.64 13.12
C ASN A 130 21.63 -14.45 12.84
N TYR A 131 21.81 -15.65 12.28
CA TYR A 131 20.70 -16.50 11.89
C TYR A 131 20.39 -17.57 12.93
N ASN A 132 20.86 -17.39 14.17
CA ASN A 132 20.66 -18.39 15.20
C ASN A 132 19.27 -18.30 15.82
N TYR A 133 18.69 -17.11 15.91
CA TYR A 133 17.37 -16.94 16.49
C TYR A 133 16.31 -17.18 15.43
N LEU A 134 15.31 -17.98 15.78
CA LEU A 134 14.25 -18.34 14.87
C LEU A 134 12.89 -18.09 15.51
N TYR A 135 11.90 -17.87 14.67
CA TYR A 135 10.50 -17.81 15.08
C TYR A 135 9.69 -18.74 14.18
N ARG A 136 8.51 -19.12 14.66
CA ARG A 136 7.63 -19.98 13.90
C ARG A 136 6.75 -19.13 12.99
N LEU A 137 6.82 -19.41 11.69
CA LEU A 137 6.11 -18.62 10.68
C LEU A 137 4.78 -19.26 10.28
N PHE A 138 4.73 -20.58 10.19
CA PHE A 138 3.55 -21.30 9.71
C PHE A 138 3.03 -22.24 10.79
N ARG A 139 1.71 -22.26 10.94
CA ARG A 139 1.02 -23.12 11.88
C ARG A 139 -0.48 -23.00 11.62
N LYS A 140 -1.20 -24.11 11.75
CA LYS A 140 -2.60 -24.16 11.37
C LYS A 140 -3.55 -23.78 12.50
N SER A 141 -3.11 -23.86 13.75
CA SER A 141 -3.88 -23.40 14.89
C SER A 141 -3.02 -22.53 15.77
N ASN A 142 -3.65 -21.63 16.52
CA ASN A 142 -2.92 -20.79 17.45
C ASN A 142 -2.47 -21.61 18.67
N LEU A 143 -1.32 -21.25 19.21
CA LEU A 143 -0.87 -21.86 20.45
C LEU A 143 -1.82 -21.50 21.59
N LYS A 144 -1.91 -22.41 22.55
CA LYS A 144 -2.60 -22.11 23.80
C LYS A 144 -1.66 -21.34 24.73
N PRO A 145 -2.19 -20.66 25.74
CA PRO A 145 -1.30 -19.93 26.67
C PRO A 145 -0.22 -20.83 27.26
N PHE A 146 1.01 -20.35 27.18
CA PHE A 146 2.19 -21.05 27.73
C PHE A 146 2.43 -22.40 27.03
N GLU A 147 2.04 -22.50 25.77
CA GLU A 147 2.44 -23.63 24.94
C GLU A 147 3.85 -23.41 24.39
N ARG A 148 4.60 -24.49 24.26
CA ARG A 148 5.89 -24.47 23.59
C ARG A 148 5.87 -25.54 22.50
N ASP A 149 6.08 -25.11 21.26
CA ASP A 149 6.05 -25.99 20.10
C ASP A 149 7.43 -25.96 19.45
N ILE A 150 8.12 -27.10 19.47
CA ILE A 150 9.48 -27.19 18.93
C ILE A 150 9.56 -28.17 17.77
N SER A 151 8.42 -28.57 17.20
CA SER A 151 8.46 -29.46 16.06
C SER A 151 9.00 -28.73 14.82
N THR A 152 9.71 -29.48 13.99
CA THR A 152 10.30 -28.94 12.76
C THR A 152 9.72 -29.62 11.52
N GLU A 153 8.53 -30.21 11.67
CA GLU A 153 7.82 -30.84 10.56
C GLU A 153 7.66 -29.87 9.40
N ILE A 154 7.81 -30.38 8.17
CA ILE A 154 7.53 -29.56 7.00
C ILE A 154 6.05 -29.21 6.98
N TYR A 155 5.75 -27.94 6.70
CA TYR A 155 4.38 -27.42 6.73
C TYR A 155 3.71 -27.70 5.39
N GLN A 156 2.61 -28.43 5.41
CA GLN A 156 1.89 -28.80 4.19
C GLN A 156 0.81 -27.75 3.93
N ALA A 157 1.10 -26.82 3.03
CA ALA A 157 0.15 -25.78 2.64
C ALA A 157 -0.70 -26.17 1.44
N GLY A 158 -0.51 -27.37 0.90
CA GLY A 158 -1.33 -27.86 -0.19
C GLY A 158 -1.91 -29.22 0.12
N SER A 159 -2.37 -29.94 -0.90
CA SER A 159 -3.02 -31.22 -0.65
C SER A 159 -2.05 -32.40 -0.80
N THR A 160 -1.04 -32.30 -1.66
CA THR A 160 -0.08 -33.39 -1.81
C THR A 160 0.82 -33.44 -0.57
N PRO A 161 0.97 -34.61 0.04
CA PRO A 161 1.83 -34.70 1.23
C PRO A 161 3.29 -34.40 0.90
N CYS A 162 3.97 -33.83 1.88
CA CYS A 162 5.30 -33.27 1.69
C CYS A 162 6.41 -34.31 1.74
N ASN A 163 6.25 -35.34 2.57
CA ASN A 163 7.24 -36.41 2.73
C ASN A 163 8.63 -35.85 3.02
N GLY A 164 8.68 -34.79 3.85
CA GLY A 164 9.92 -34.34 4.44
C GLY A 164 10.85 -33.55 3.54
N VAL A 165 10.37 -33.03 2.42
CA VAL A 165 11.22 -32.29 1.49
C VAL A 165 10.53 -30.97 1.12
N GLU A 166 11.23 -29.86 1.32
CA GLU A 166 10.65 -28.57 1.00
C GLU A 166 10.47 -28.40 -0.50
N GLY A 167 9.39 -27.72 -0.88
CA GLY A 167 9.13 -27.38 -2.26
C GLY A 167 7.90 -26.51 -2.36
N PHE A 168 7.13 -26.69 -3.42
CA PHE A 168 5.86 -25.99 -3.55
C PHE A 168 4.89 -26.45 -2.48
N ASN A 169 4.22 -25.50 -1.83
CA ASN A 169 3.24 -25.75 -0.77
C ASN A 169 3.84 -26.59 0.36
N CYS A 170 5.17 -26.63 0.48
CA CYS A 170 5.84 -27.41 1.51
C CYS A 170 6.96 -26.55 2.08
N TYR A 171 6.71 -25.95 3.24
CA TYR A 171 7.59 -24.93 3.80
C TYR A 171 8.15 -25.39 5.14
N PHE A 172 9.39 -25.01 5.40
CA PHE A 172 9.94 -25.14 6.73
C PHE A 172 9.16 -24.21 7.66
N PRO A 173 8.72 -24.67 8.83
CA PRO A 173 7.84 -23.82 9.65
C PRO A 173 8.57 -22.70 10.36
N LEU A 174 9.88 -22.78 10.50
CA LEU A 174 10.65 -21.79 11.24
C LEU A 174 11.43 -20.90 10.28
N GLN A 175 11.66 -19.66 10.71
CA GLN A 175 12.41 -18.68 9.95
C GLN A 175 13.42 -17.99 10.86
N SER A 176 14.55 -17.61 10.27
CA SER A 176 15.58 -16.88 11.00
C SER A 176 15.24 -15.40 11.04
N TYR A 177 15.74 -14.73 12.08
CA TYR A 177 15.60 -13.28 12.16
C TYR A 177 16.69 -12.58 11.36
N GLY A 178 17.92 -13.08 11.44
CA GLY A 178 19.04 -12.44 10.79
C GLY A 178 19.30 -11.05 11.32
N PHE A 179 19.72 -10.96 12.58
CA PHE A 179 19.95 -9.67 13.21
C PHE A 179 21.33 -9.13 12.81
N GLN A 180 21.33 -7.96 12.19
CA GLN A 180 22.54 -7.22 11.87
C GLN A 180 22.64 -5.99 12.76
N PRO A 181 23.86 -5.53 13.08
CA PRO A 181 23.99 -4.30 13.88
C PRO A 181 23.57 -3.04 13.15
N THR A 182 23.44 -3.09 11.83
CA THR A 182 23.07 -1.92 11.04
C THR A 182 21.58 -1.82 10.76
N ASN A 183 20.79 -2.80 11.18
CA ASN A 183 19.34 -2.70 11.02
C ASN A 183 18.80 -1.48 11.76
N GLY A 184 17.67 -0.98 11.27
CA GLY A 184 16.86 -0.10 12.10
C GLY A 184 16.46 -0.78 13.38
N VAL A 185 16.41 0.01 14.47
CA VAL A 185 16.25 -0.57 15.80
C VAL A 185 14.91 -1.29 15.95
N GLY A 186 13.93 -1.00 15.09
CA GLY A 186 12.72 -1.80 15.06
C GLY A 186 12.99 -3.24 14.69
N TYR A 187 14.03 -3.48 13.89
CA TYR A 187 14.39 -4.82 13.46
C TYR A 187 15.47 -5.46 14.32
N GLN A 188 15.92 -4.77 15.37
CA GLN A 188 17.02 -5.25 16.17
C GLN A 188 16.55 -6.23 17.23
N PRO A 189 17.43 -7.10 17.70
CA PRO A 189 17.02 -8.09 18.70
C PRO A 189 16.77 -7.43 20.05
N TYR A 190 15.71 -7.89 20.71
CA TYR A 190 15.36 -7.51 22.06
C TYR A 190 15.25 -8.76 22.90
N ARG A 191 15.87 -8.73 24.08
CA ARG A 191 15.73 -9.77 25.07
C ARG A 191 14.50 -9.50 25.92
N VAL A 192 13.71 -10.55 26.14
CA VAL A 192 12.43 -10.46 26.83
C VAL A 192 12.41 -11.46 27.96
N VAL A 193 12.00 -11.00 29.14
CA VAL A 193 11.72 -11.83 30.31
C VAL A 193 10.28 -11.57 30.73
N VAL A 194 9.50 -12.64 30.84
CA VAL A 194 8.13 -12.59 31.34
C VAL A 194 8.12 -13.24 32.72
N LEU A 195 7.62 -12.49 33.71
CA LEU A 195 7.49 -12.98 35.09
C LEU A 195 6.02 -13.32 35.30
N SER A 196 5.74 -14.62 35.44
CA SER A 196 4.41 -15.11 35.80
C SER A 196 4.37 -15.35 37.30
N PHE A 197 3.35 -14.79 37.95
CA PHE A 197 3.17 -14.89 39.39
C PHE A 197 2.06 -15.89 39.73
N PRO A 203 0.49 -23.64 50.02
CA PRO A 203 1.57 -22.86 50.63
C PRO A 203 2.00 -21.67 49.79
N ALA A 204 3.24 -21.23 49.98
CA ALA A 204 3.84 -20.15 49.22
C ALA A 204 5.33 -20.17 49.51
N THR A 205 6.16 -20.11 48.46
CA THR A 205 7.60 -20.28 48.64
C THR A 205 8.45 -19.17 48.05
N VAL A 206 7.87 -18.16 47.41
CA VAL A 206 8.65 -17.10 46.78
C VAL A 206 8.17 -15.76 47.33
N CYS A 207 9.04 -15.05 48.05
CA CYS A 207 8.65 -13.83 48.73
C CYS A 207 9.73 -12.75 48.55
N GLY A 208 9.32 -11.50 48.82
CA GLY A 208 10.21 -10.36 48.79
C GLY A 208 10.87 -10.18 50.13
N PRO A 209 11.69 -9.13 50.24
CA PRO A 209 12.40 -8.79 51.48
C PRO A 209 11.47 -8.20 52.52
N VAL B 2 -7.00 5.65 22.51
CA VAL B 2 -5.62 6.01 22.81
C VAL B 2 -5.01 6.80 21.65
N GLN B 3 -4.65 8.04 21.93
CA GLN B 3 -4.12 8.95 20.92
C GLN B 3 -3.12 9.91 21.58
N LEU B 4 -2.23 10.45 20.76
CA LEU B 4 -1.25 11.45 21.17
C LEU B 4 -1.36 12.61 20.19
N VAL B 5 -1.92 13.73 20.63
CA VAL B 5 -2.06 14.89 19.75
C VAL B 5 -1.08 15.97 20.18
N GLU B 6 -0.29 16.46 19.22
CA GLU B 6 0.64 17.55 19.43
C GLU B 6 -0.03 18.87 19.06
N SER B 7 0.42 19.93 19.72
CA SER B 7 -0.12 21.27 19.47
C SER B 7 0.87 22.29 19.97
N GLY B 8 0.59 23.56 19.66
CA GLY B 8 1.43 24.65 20.12
C GLY B 8 2.48 25.11 19.13
N GLY B 9 2.67 24.38 18.03
CA GLY B 9 3.68 24.72 17.04
C GLY B 9 3.16 25.68 16.00
N GLY B 10 3.85 25.70 14.86
CA GLY B 10 3.48 26.54 13.75
C GLY B 10 4.59 27.52 13.39
N LEU B 11 4.17 28.69 12.89
CA LEU B 11 5.11 29.70 12.43
C LEU B 11 5.68 30.49 13.59
N VAL B 12 6.96 30.84 13.48
CA VAL B 12 7.68 31.57 14.52
C VAL B 12 8.89 32.23 13.88
N GLN B 13 9.33 33.38 14.47
CA GLN B 13 10.46 34.20 14.05
C GLN B 13 11.75 33.71 14.68
N PRO B 14 12.90 33.97 14.05
CA PRO B 14 14.19 33.55 14.62
C PRO B 14 14.45 34.29 15.92
N GLY B 15 14.64 33.53 17.00
CA GLY B 15 14.73 34.08 18.34
C GLY B 15 13.46 33.93 19.16
N GLY B 16 12.33 33.67 18.50
CA GLY B 16 11.09 33.47 19.21
C GLY B 16 10.99 32.10 19.84
N SER B 17 9.91 31.91 20.61
CA SER B 17 9.72 30.69 21.37
C SER B 17 8.39 30.04 21.03
N LEU B 18 8.33 28.73 21.25
CA LEU B 18 7.10 27.97 21.15
C LEU B 18 6.98 27.08 22.39
N ARG B 19 5.76 26.67 22.70
CA ARG B 19 5.50 25.73 23.79
C ARG B 19 4.68 24.58 23.21
N LEU B 20 5.34 23.47 22.94
CA LEU B 20 4.67 22.30 22.38
C LEU B 20 3.98 21.51 23.48
N SER B 21 2.77 21.04 23.18
CA SER B 21 1.97 20.26 24.11
C SER B 21 1.60 18.93 23.46
N CYS B 22 1.93 17.83 24.11
CA CYS B 22 1.51 16.50 23.69
C CYS B 22 0.46 16.05 24.70
N ALA B 23 -0.80 16.03 24.25
CA ALA B 23 -1.92 15.58 25.06
C ALA B 23 -2.20 14.12 24.72
N ALA B 24 -2.20 13.28 25.75
CA ALA B 24 -2.40 11.85 25.61
C ALA B 24 -3.80 11.47 26.08
N SER B 25 -4.49 10.67 25.28
CA SER B 25 -5.82 10.18 25.62
C SER B 25 -5.83 8.66 25.52
N GLY B 26 -6.79 8.05 26.22
CA GLY B 26 -6.94 6.61 26.20
C GLY B 26 -6.14 5.87 27.24
N PHE B 27 -5.32 6.57 28.02
CA PHE B 27 -4.47 5.95 29.04
C PHE B 27 -3.87 7.06 29.89
N THR B 28 -3.40 6.70 31.08
CA THR B 28 -2.73 7.64 31.97
C THR B 28 -1.22 7.53 31.79
N LEU B 29 -0.56 8.68 31.98
CA LEU B 29 0.85 8.84 31.62
C LEU B 29 1.82 8.59 32.78
N ASP B 30 1.35 8.00 33.89
CA ASP B 30 2.18 7.94 35.10
C ASP B 30 3.41 7.05 34.88
N TYR B 31 3.20 5.82 34.44
CA TYR B 31 4.30 4.88 34.26
C TYR B 31 5.09 5.11 32.97
N TYR B 32 4.63 5.99 32.10
CA TYR B 32 5.22 6.14 30.77
C TYR B 32 6.29 7.22 30.76
N ALA B 33 7.36 6.94 30.01
CA ALA B 33 8.29 7.97 29.59
C ALA B 33 7.80 8.57 28.28
N ILE B 34 7.99 9.88 28.12
CA ILE B 34 7.55 10.57 26.92
C ILE B 34 8.75 11.21 26.23
N GLY B 35 8.83 11.04 24.92
CA GLY B 35 9.90 11.61 24.12
C GLY B 35 9.36 12.54 23.04
N TRP B 36 10.16 13.57 22.73
CA TRP B 36 9.89 14.50 21.65
C TRP B 36 10.96 14.33 20.59
N PHE B 37 10.51 14.24 19.33
CA PHE B 37 11.33 13.96 18.17
C PHE B 37 11.04 15.00 17.10
N ARG B 38 12.03 15.24 16.23
CA ARG B 38 11.90 16.17 15.11
C ARG B 38 12.28 15.46 13.82
N GLN B 39 11.56 15.77 12.74
CA GLN B 39 11.88 15.27 11.41
C GLN B 39 12.05 16.47 10.49
N ALA B 40 13.28 16.67 10.04
CA ALA B 40 13.65 17.76 9.14
C ALA B 40 13.31 17.36 7.71
N PRO B 41 13.41 18.32 6.73
CA PRO B 41 12.95 18.00 5.36
C PRO B 41 13.71 16.84 4.71
N GLY B 42 13.01 15.72 4.53
CA GLY B 42 13.56 14.63 3.73
C GLY B 42 14.52 13.71 4.45
N LYS B 43 14.59 13.78 5.77
CA LYS B 43 15.42 12.88 6.57
C LYS B 43 14.52 11.99 7.43
N GLU B 44 15.13 11.18 8.27
CA GLU B 44 14.37 10.39 9.22
C GLU B 44 14.34 11.09 10.57
N ARG B 45 13.36 10.69 11.39
CA ARG B 45 13.17 11.31 12.69
C ARG B 45 14.43 11.21 13.53
N GLU B 46 14.67 12.23 14.35
CA GLU B 46 15.73 12.19 15.34
C GLU B 46 15.13 12.55 16.71
N GLY B 47 15.69 11.96 17.75
CA GLY B 47 15.22 12.25 19.09
C GLY B 47 15.71 13.62 19.54
N VAL B 48 14.79 14.41 20.09
CA VAL B 48 15.16 15.72 20.62
C VAL B 48 15.35 15.61 22.13
N SER B 49 14.32 15.17 22.85
CA SER B 49 14.49 15.13 24.30
C SER B 49 13.42 14.26 24.95
N CYS B 50 13.79 13.62 26.05
CA CYS B 50 12.90 12.67 26.71
C CYS B 50 12.80 12.97 28.20
N ILE B 51 11.63 12.74 28.76
CA ILE B 51 11.43 12.72 30.21
C ILE B 51 10.94 11.33 30.58
N SER B 52 11.43 10.82 31.70
CA SER B 52 11.10 9.46 32.11
C SER B 52 9.92 9.46 33.07
N SER B 53 9.48 8.26 33.45
CA SER B 53 8.44 8.16 34.48
C SER B 53 8.89 8.78 35.80
N SER B 54 10.20 8.70 36.08
CA SER B 54 10.75 9.34 37.27
C SER B 54 10.63 10.86 37.22
N GLY B 55 10.38 11.42 36.05
CA GLY B 55 10.40 12.86 35.87
C GLY B 55 11.74 13.43 35.50
N ASP B 56 12.75 12.60 35.29
CA ASP B 56 14.08 13.10 34.95
C ASP B 56 14.20 13.31 33.45
N SER B 57 15.03 14.28 33.08
CA SER B 57 15.15 14.72 31.70
C SER B 57 16.48 14.26 31.09
N THR B 58 16.45 14.04 29.78
CA THR B 58 17.66 13.84 29.00
C THR B 58 17.44 14.50 27.64
N HIS B 59 18.39 15.33 27.24
CA HIS B 59 18.32 16.00 25.94
C HIS B 59 19.39 15.41 25.04
N TYR B 60 18.99 15.10 23.80
CA TYR B 60 19.85 14.32 22.92
C TYR B 60 20.53 15.14 21.84
N VAL B 61 20.07 16.35 21.57
CA VAL B 61 20.68 17.24 20.58
C VAL B 61 21.55 18.25 21.32
N ASP B 62 22.78 18.41 20.86
CA ASP B 62 23.66 19.45 21.41
C ASP B 62 23.01 20.82 21.28
N SER B 63 22.58 21.16 20.05
CA SER B 63 21.98 22.46 19.74
C SER B 63 20.89 22.91 20.71
N VAL B 64 20.29 21.96 21.44
CA VAL B 64 19.03 22.19 22.13
C VAL B 64 19.12 22.05 23.64
N LYS B 65 20.31 21.76 24.18
CA LYS B 65 20.42 21.54 25.62
C LYS B 65 20.05 22.81 26.40
N GLY B 66 20.69 23.93 26.08
CA GLY B 66 20.41 25.16 26.80
C GLY B 66 19.03 25.71 26.56
N ARG B 67 18.43 25.40 25.41
CA ARG B 67 17.24 26.13 24.97
C ARG B 67 15.93 25.41 25.32
N PHE B 68 15.85 24.10 25.10
CA PHE B 68 14.60 23.37 25.26
C PHE B 68 14.49 22.81 26.67
N THR B 69 13.27 22.78 27.20
CA THR B 69 13.00 22.23 28.52
C THR B 69 11.73 21.39 28.45
N ILE B 70 11.83 20.12 28.84
CA ILE B 70 10.70 19.19 28.77
C ILE B 70 10.11 19.04 30.17
N SER B 71 8.78 19.10 30.24
CA SER B 71 8.03 19.08 31.48
C SER B 71 6.88 18.10 31.37
N ARG B 72 6.42 17.55 32.50
CA ARG B 72 5.34 16.58 32.48
C ARG B 72 4.27 16.99 33.48
N ASP B 73 3.00 16.76 33.11
CA ASP B 73 1.86 17.06 33.97
C ASP B 73 0.96 15.82 33.99
N ASN B 74 1.10 15.03 35.05
CA ASN B 74 0.35 13.78 35.18
C ASN B 74 -1.13 14.02 35.48
N ALA B 75 -1.45 15.14 36.14
CA ALA B 75 -2.84 15.39 36.51
C ALA B 75 -3.67 15.76 35.29
N LYS B 76 -3.15 16.62 34.41
CA LYS B 76 -3.84 16.98 33.18
C LYS B 76 -3.48 16.06 32.01
N ASN B 77 -2.57 15.10 32.22
CA ASN B 77 -2.27 14.04 31.26
C ASN B 77 -1.53 14.57 30.02
N THR B 78 -0.66 15.55 30.20
CA THR B 78 0.03 16.16 29.08
C THR B 78 1.52 16.29 29.36
N VAL B 79 2.28 16.57 28.30
CA VAL B 79 3.72 16.76 28.39
C VAL B 79 4.09 17.97 27.54
N TYR B 80 5.05 18.77 28.01
CA TYR B 80 5.37 20.06 27.42
C TYR B 80 6.83 20.13 26.98
N LEU B 81 7.05 20.87 25.89
CA LEU B 81 8.39 21.14 25.37
C LEU B 81 8.50 22.64 25.15
N GLN B 82 9.18 23.33 26.06
CA GLN B 82 9.44 24.75 25.91
C GLN B 82 10.66 24.94 25.02
N MET B 83 10.47 25.60 23.87
CA MET B 83 11.52 25.83 22.90
C MET B 83 11.80 27.32 22.83
N ASN B 84 12.96 27.72 23.36
CA ASN B 84 13.41 29.11 23.34
C ASN B 84 14.55 29.27 22.35
N SER B 85 14.77 30.51 21.93
CA SER B 85 15.87 30.89 21.04
C SER B 85 15.84 30.09 19.74
N LEU B 86 14.67 30.07 19.10
CA LEU B 86 14.48 29.24 17.92
C LEU B 86 15.27 29.76 16.73
N LYS B 87 15.68 28.84 15.88
CA LYS B 87 16.58 29.11 14.76
C LYS B 87 16.00 28.43 13.52
N PRO B 88 16.44 28.84 12.32
CA PRO B 88 15.99 28.14 11.12
C PRO B 88 16.36 26.67 11.11
N GLU B 89 17.45 26.30 11.78
CA GLU B 89 17.86 24.91 11.86
C GLU B 89 16.79 24.05 12.54
N ASP B 90 15.96 24.65 13.39
CA ASP B 90 14.99 23.93 14.19
C ASP B 90 13.69 23.61 13.47
N THR B 91 13.53 24.06 12.23
CA THR B 91 12.28 23.83 11.51
C THR B 91 12.14 22.36 11.15
N ALA B 92 11.00 21.77 11.50
CA ALA B 92 10.78 20.35 11.32
C ALA B 92 9.34 20.02 11.70
N VAL B 93 8.94 18.78 11.44
CA VAL B 93 7.70 18.26 12.00
C VAL B 93 8.04 17.57 13.32
N TYR B 94 7.45 18.04 14.40
CA TYR B 94 7.72 17.52 15.73
C TYR B 94 6.65 16.50 16.10
N TYR B 95 7.11 15.34 16.57
CA TYR B 95 6.25 14.28 17.08
C TYR B 95 6.55 14.06 18.55
N CYS B 96 5.58 13.48 19.24
CA CYS B 96 5.76 12.97 20.60
C CYS B 96 5.42 11.49 20.62
N ALA B 97 5.96 10.80 21.62
CA ALA B 97 5.73 9.37 21.75
C ALA B 97 5.80 8.98 23.21
N ALA B 98 5.11 7.89 23.56
CA ALA B 98 5.00 7.42 24.93
C ALA B 98 5.34 5.93 25.00
N GLN B 99 6.12 5.55 26.01
CA GLN B 99 6.58 4.18 26.14
C GLN B 99 6.61 3.78 27.61
N SER B 100 6.09 2.60 27.92
CA SER B 100 5.98 2.11 29.30
C SER B 100 7.20 1.27 29.63
N GLY B 101 8.22 1.91 30.20
CA GLY B 101 9.44 1.21 30.56
C GLY B 101 9.75 1.21 32.04
N SER B 102 11.01 0.93 32.39
CA SER B 102 11.43 1.00 33.78
C SER B 102 11.55 2.45 34.21
N TYR B 103 11.73 2.65 35.52
CA TYR B 103 11.49 3.96 36.13
C TYR B 103 12.32 5.06 35.48
N TYR B 104 13.62 4.84 35.31
CA TYR B 104 14.51 5.87 34.79
C TYR B 104 14.77 5.76 33.30
N TRP B 105 14.06 4.90 32.59
CA TRP B 105 14.35 4.68 31.18
C TRP B 105 13.97 5.91 30.34
N CYS B 106 14.89 6.31 29.45
CA CYS B 106 14.60 7.25 28.39
C CYS B 106 15.27 6.76 27.11
N GLY B 107 14.63 7.03 25.98
CA GLY B 107 15.10 6.52 24.70
C GLY B 107 15.21 7.60 23.66
N SER B 108 16.34 7.61 22.96
CA SER B 108 16.55 8.52 21.85
C SER B 108 15.92 8.04 20.55
N ASP B 109 15.47 6.78 20.51
CA ASP B 109 15.12 6.13 19.25
C ASP B 109 13.60 6.03 19.11
N TRP B 110 13.10 6.54 17.99
CA TRP B 110 11.67 6.64 17.76
C TRP B 110 10.99 5.28 17.74
N HIS B 111 11.61 4.31 17.06
CA HIS B 111 11.01 2.99 16.85
C HIS B 111 10.95 2.15 18.09
N GLU B 112 11.31 2.71 19.24
CA GLU B 112 11.33 2.01 20.51
C GLU B 112 10.22 2.49 21.45
N TYR B 113 9.41 3.45 20.99
CA TYR B 113 8.19 3.86 21.67
C TYR B 113 6.99 3.24 20.97
N ASP B 114 5.99 2.83 21.76
CA ASP B 114 4.84 2.14 21.19
C ASP B 114 3.76 3.10 20.72
N TYR B 115 3.42 4.10 21.54
CA TYR B 115 2.40 5.07 21.20
C TYR B 115 3.04 6.28 20.54
N ARG B 116 2.50 6.69 19.39
CA ARG B 116 3.09 7.75 18.60
C ARG B 116 2.01 8.75 18.20
N GLY B 117 2.42 10.01 18.07
CA GLY B 117 1.57 11.03 17.51
C GLY B 117 1.76 11.16 16.01
N GLN B 118 0.84 11.89 15.38
CA GLN B 118 0.92 12.06 13.94
C GLN B 118 1.66 13.32 13.52
N GLY B 119 1.90 14.24 14.43
CA GLY B 119 2.91 15.26 14.19
C GLY B 119 2.32 16.65 14.00
N THR B 120 3.13 17.66 14.32
CA THR B 120 2.78 19.06 14.11
C THR B 120 3.96 19.82 13.53
N GLN B 121 3.69 20.78 12.65
CA GLN B 121 4.74 21.45 11.90
C GLN B 121 5.25 22.68 12.65
N VAL B 122 6.57 22.84 12.69
CA VAL B 122 7.21 24.04 13.25
C VAL B 122 8.08 24.63 12.15
N THR B 123 7.77 25.86 11.75
CA THR B 123 8.45 26.56 10.68
C THR B 123 9.01 27.88 11.21
N VAL B 124 10.31 28.07 11.07
CA VAL B 124 10.99 29.27 11.53
C VAL B 124 11.50 30.02 10.29
N SER B 125 11.26 31.33 10.27
CA SER B 125 11.59 32.12 9.10
C SER B 125 13.11 32.34 9.00
N SER B 126 13.50 33.05 7.95
CA SER B 126 14.91 33.26 7.61
C SER B 126 15.65 31.94 7.51
N GLN C 1 -0.36 -25.98 -9.46
CA GLN C 1 -0.95 -24.94 -10.30
C GLN C 1 -2.04 -24.18 -9.53
N VAL C 2 -1.75 -22.92 -9.22
CA VAL C 2 -2.62 -22.10 -8.40
C VAL C 2 -3.55 -21.30 -9.29
N GLN C 3 -4.79 -21.13 -8.84
CA GLN C 3 -5.81 -20.36 -9.54
C GLN C 3 -6.67 -19.63 -8.52
N LEU C 4 -6.94 -18.35 -8.79
CA LEU C 4 -7.77 -17.52 -7.94
C LEU C 4 -8.71 -16.71 -8.82
N VAL C 5 -9.99 -16.71 -8.49
CA VAL C 5 -10.98 -15.96 -9.26
C VAL C 5 -11.87 -15.21 -8.28
N GLU C 6 -11.84 -13.88 -8.36
CA GLU C 6 -12.72 -13.05 -7.55
C GLU C 6 -14.04 -12.79 -8.27
N SER C 7 -15.09 -12.62 -7.49
CA SER C 7 -16.41 -12.28 -8.01
C SER C 7 -17.17 -11.52 -6.93
N GLY C 8 -18.25 -10.86 -7.35
CA GLY C 8 -19.12 -10.12 -6.46
C GLY C 8 -19.11 -8.61 -6.65
N GLY C 9 -18.21 -8.07 -7.45
CA GLY C 9 -18.09 -6.63 -7.55
C GLY C 9 -19.19 -6.02 -8.41
N GLY C 10 -19.63 -4.84 -7.99
CA GLY C 10 -20.66 -4.11 -8.71
C GLY C 10 -20.90 -2.76 -8.08
N LEU C 11 -21.94 -2.08 -8.57
CA LEU C 11 -22.28 -0.76 -8.06
C LEU C 11 -23.07 -0.86 -6.77
N ILE C 12 -22.64 -0.10 -5.76
CA ILE C 12 -23.35 0.04 -4.49
C ILE C 12 -23.40 1.52 -4.13
N GLN C 13 -24.37 1.86 -3.32
CA GLN C 13 -24.42 3.25 -2.87
C GLN C 13 -23.63 3.41 -1.56
N PRO C 14 -23.17 4.63 -1.27
CA PRO C 14 -22.48 4.87 0.00
C PRO C 14 -23.36 4.47 1.18
N GLY C 15 -22.77 3.72 2.11
CA GLY C 15 -23.46 3.13 3.22
C GLY C 15 -23.87 1.69 3.00
N GLY C 16 -23.99 1.28 1.74
CA GLY C 16 -24.39 -0.08 1.43
C GLY C 16 -23.29 -1.09 1.70
N SER C 17 -23.66 -2.36 1.56
CA SER C 17 -22.76 -3.47 1.84
C SER C 17 -22.52 -4.30 0.58
N LEU C 18 -21.49 -5.13 0.64
CA LEU C 18 -21.06 -5.94 -0.49
C LEU C 18 -20.14 -7.05 -0.01
N ARG C 19 -20.36 -8.29 -0.44
CA ARG C 19 -19.47 -9.38 -0.07
C ARG C 19 -18.75 -9.86 -1.33
N LEU C 20 -17.44 -9.65 -1.38
CA LEU C 20 -16.60 -10.22 -2.42
C LEU C 20 -16.20 -11.63 -2.04
N SER C 21 -16.13 -12.51 -3.04
CA SER C 21 -15.64 -13.86 -2.82
C SER C 21 -14.52 -14.16 -3.80
N CYS C 22 -13.66 -15.10 -3.42
CA CYS C 22 -12.49 -15.48 -4.20
C CYS C 22 -12.39 -17.00 -4.14
N ALA C 23 -12.68 -17.66 -5.26
CA ALA C 23 -12.48 -19.09 -5.38
C ALA C 23 -11.00 -19.39 -5.60
N ALA C 24 -10.53 -20.46 -4.96
CA ALA C 24 -9.11 -20.80 -4.96
C ALA C 24 -8.92 -22.28 -5.26
N SER C 25 -7.90 -22.59 -6.03
CA SER C 25 -7.43 -23.95 -6.21
C SER C 25 -5.91 -23.93 -6.31
N GLY C 26 -5.29 -25.07 -6.03
CA GLY C 26 -3.85 -25.19 -6.00
C GLY C 26 -3.24 -25.17 -4.63
N PHE C 27 -4.03 -24.86 -3.59
CA PHE C 27 -3.53 -24.85 -2.23
C PHE C 27 -4.70 -24.97 -1.27
N THR C 28 -4.38 -25.17 0.01
CA THR C 28 -5.37 -25.24 1.07
C THR C 28 -5.53 -23.86 1.70
N VAL C 29 -6.72 -23.28 1.57
CA VAL C 29 -6.91 -21.90 2.03
C VAL C 29 -6.87 -21.83 3.56
N SER C 30 -7.26 -22.90 4.25
CA SER C 30 -7.34 -22.86 5.71
C SER C 30 -5.98 -23.00 6.37
N SER C 31 -4.93 -23.35 5.63
CA SER C 31 -3.58 -23.41 6.18
C SER C 31 -2.65 -22.39 5.55
N ASN C 32 -3.20 -21.31 4.99
CA ASN C 32 -2.41 -20.33 4.26
C ASN C 32 -2.81 -18.92 4.67
N TYR C 33 -1.85 -18.00 4.58
CA TYR C 33 -2.15 -16.58 4.69
C TYR C 33 -2.81 -16.12 3.41
N MET C 34 -3.83 -15.26 3.52
CA MET C 34 -4.45 -14.72 2.33
C MET C 34 -4.78 -13.25 2.54
N SER C 35 -4.74 -12.47 1.46
CA SER C 35 -4.87 -11.03 1.53
C SER C 35 -5.84 -10.52 0.48
N TRP C 36 -6.43 -9.38 0.79
CA TRP C 36 -7.14 -8.56 -0.19
C TRP C 36 -6.32 -7.30 -0.42
N VAL C 37 -6.08 -7.00 -1.70
CA VAL C 37 -5.31 -5.83 -2.11
C VAL C 37 -6.13 -5.09 -3.16
N ARG C 38 -6.28 -3.78 -3.00
CA ARG C 38 -7.12 -3.03 -3.93
C ARG C 38 -6.30 -2.01 -4.70
N GLN C 39 -6.81 -1.67 -5.88
CA GLN C 39 -6.18 -0.75 -6.82
C GLN C 39 -7.27 0.20 -7.31
N ALA C 40 -7.23 1.44 -6.84
CA ALA C 40 -8.14 2.45 -7.36
C ALA C 40 -7.75 2.83 -8.79
N PRO C 41 -8.74 3.18 -9.62
CA PRO C 41 -8.47 3.34 -11.06
C PRO C 41 -7.41 4.40 -11.34
N GLY C 42 -6.51 4.08 -12.27
CA GLY C 42 -5.40 4.94 -12.60
C GLY C 42 -4.38 5.12 -11.52
N LYS C 43 -4.48 4.35 -10.44
CA LYS C 43 -3.63 4.56 -9.27
C LYS C 43 -2.89 3.28 -8.86
N GLY C 44 -2.35 3.27 -7.64
CA GLY C 44 -1.51 2.20 -7.17
C GLY C 44 -2.22 1.25 -6.22
N LEU C 45 -1.43 0.29 -5.72
CA LEU C 45 -1.95 -0.82 -4.95
C LEU C 45 -1.94 -0.50 -3.46
N GLU C 46 -3.05 -0.85 -2.79
CA GLU C 46 -3.19 -0.65 -1.35
C GLU C 46 -3.63 -1.96 -0.71
N TRP C 47 -2.89 -2.41 0.29
CA TRP C 47 -3.28 -3.60 1.05
C TRP C 47 -4.52 -3.31 1.87
N VAL C 48 -5.47 -4.24 1.87
CA VAL C 48 -6.73 -4.07 2.60
C VAL C 48 -6.78 -4.91 3.85
N SER C 49 -6.42 -6.19 3.75
CA SER C 49 -6.77 -7.13 4.80
C SER C 49 -5.97 -8.42 4.63
N VAL C 50 -5.71 -9.08 5.76
CA VAL C 50 -5.00 -10.36 5.76
C VAL C 50 -5.63 -11.27 6.79
N ILE C 51 -5.77 -12.54 6.44
CA ILE C 51 -6.14 -13.61 7.36
C ILE C 51 -4.96 -14.57 7.43
N TYR C 52 -4.50 -14.82 8.66
CA TYR C 52 -3.37 -15.70 8.91
C TYR C 52 -3.76 -17.16 8.72
N SER C 53 -2.74 -18.02 8.60
CA SER C 53 -2.98 -19.46 8.49
C SER C 53 -3.67 -20.02 9.73
N GLY C 54 -3.51 -19.37 10.88
CA GLY C 54 -4.16 -19.79 12.10
C GLY C 54 -5.50 -19.14 12.38
N GLY C 55 -5.89 -18.14 11.60
CA GLY C 55 -7.20 -17.52 11.74
C GLY C 55 -7.20 -16.08 12.20
N SER C 56 -6.06 -15.54 12.63
CA SER C 56 -6.02 -14.13 13.00
C SER C 56 -6.20 -13.26 11.76
N THR C 57 -6.75 -12.06 11.98
CA THR C 57 -7.11 -11.16 10.89
C THR C 57 -6.60 -9.76 11.20
N PHE C 58 -6.23 -9.03 10.14
CA PHE C 58 -5.73 -7.68 10.29
C PHE C 58 -6.18 -6.83 9.12
N TYR C 59 -6.37 -5.54 9.37
CA TYR C 59 -6.99 -4.63 8.42
C TYR C 59 -6.23 -3.32 8.36
N ALA C 60 -6.13 -2.76 7.16
CA ALA C 60 -5.67 -1.39 7.02
C ALA C 60 -6.55 -0.46 7.84
N ASP C 61 -5.96 0.64 8.31
CA ASP C 61 -6.73 1.58 9.12
C ASP C 61 -7.88 2.19 8.34
N SER C 62 -7.73 2.31 7.01
CA SER C 62 -8.80 2.86 6.19
C SER C 62 -10.09 2.07 6.33
N VAL C 63 -10.00 0.77 6.63
CA VAL C 63 -11.14 -0.13 6.53
C VAL C 63 -11.43 -0.91 7.81
N LYS C 64 -10.68 -0.68 8.89
CA LYS C 64 -10.95 -1.42 10.11
C LYS C 64 -12.26 -0.95 10.73
N GLY C 65 -13.08 -1.91 11.15
CA GLY C 65 -14.40 -1.65 11.68
C GLY C 65 -15.52 -1.95 10.71
N ARG C 66 -15.28 -1.83 9.41
CA ARG C 66 -16.31 -2.01 8.40
C ARG C 66 -16.02 -3.10 7.38
N PHE C 67 -14.80 -3.63 7.31
CA PHE C 67 -14.49 -4.80 6.50
C PHE C 67 -14.18 -5.99 7.40
N THR C 68 -14.56 -7.17 6.93
CA THR C 68 -14.25 -8.41 7.65
C THR C 68 -13.77 -9.44 6.65
N ILE C 69 -12.58 -9.95 6.85
CA ILE C 69 -12.03 -11.04 6.04
C ILE C 69 -12.43 -12.36 6.68
N SER C 70 -12.75 -13.35 5.86
CA SER C 70 -13.11 -14.67 6.37
C SER C 70 -12.84 -15.71 5.31
N ARG C 71 -13.02 -16.97 5.66
CA ARG C 71 -12.73 -18.04 4.72
C ARG C 71 -13.55 -19.27 5.05
N ASP C 72 -13.82 -20.06 4.01
CA ASP C 72 -14.44 -21.37 4.11
C ASP C 72 -13.57 -22.36 3.37
N ASN C 73 -13.00 -23.32 4.10
CA ASN C 73 -12.16 -24.33 3.46
C ASN C 73 -12.99 -25.38 2.74
N SER C 74 -14.19 -25.66 3.24
CA SER C 74 -15.11 -26.55 2.53
C SER C 74 -15.27 -26.14 1.08
N LYS C 75 -15.51 -24.86 0.85
CA LYS C 75 -15.71 -24.34 -0.49
C LYS C 75 -14.42 -23.80 -1.12
N SER C 76 -13.30 -23.80 -0.38
CA SER C 76 -12.03 -23.22 -0.85
C SER C 76 -12.24 -21.77 -1.29
N THR C 77 -12.89 -21.00 -0.42
CA THR C 77 -13.29 -19.63 -0.76
C THR C 77 -12.81 -18.65 0.30
N LEU C 78 -12.30 -17.52 -0.17
CA LEU C 78 -11.99 -16.39 0.69
C LEU C 78 -13.07 -15.33 0.52
N TYR C 79 -13.40 -14.62 1.60
CA TYR C 79 -14.47 -13.64 1.58
C TYR C 79 -13.99 -12.32 2.16
N LEU C 80 -14.48 -11.23 1.57
CA LEU C 80 -14.32 -9.88 2.10
C LEU C 80 -15.72 -9.27 2.21
N GLN C 81 -16.23 -9.20 3.44
CA GLN C 81 -17.47 -8.50 3.73
C GLN C 81 -17.17 -7.01 3.92
N MET C 82 -17.98 -6.16 3.30
CA MET C 82 -17.74 -4.71 3.33
C MET C 82 -19.03 -4.00 3.66
N ASN C 83 -19.02 -3.24 4.75
CA ASN C 83 -20.16 -2.47 5.20
C ASN C 83 -19.79 -1.00 5.28
N SER C 84 -20.81 -0.15 5.32
CA SER C 84 -20.63 1.30 5.37
C SER C 84 -19.62 1.78 4.33
N LEU C 85 -19.85 1.37 3.09
CA LEU C 85 -18.91 1.70 2.02
C LEU C 85 -18.87 3.19 1.76
N ARG C 86 -17.68 3.69 1.45
CA ARG C 86 -17.48 5.09 1.08
C ARG C 86 -16.99 5.15 -0.37
N VAL C 87 -17.05 6.35 -0.95
CA VAL C 87 -16.70 6.52 -2.35
C VAL C 87 -15.24 6.18 -2.61
N GLU C 88 -14.35 6.49 -1.67
CA GLU C 88 -12.94 6.16 -1.82
C GLU C 88 -12.64 4.68 -1.60
N ASP C 89 -13.67 3.84 -1.48
CA ASP C 89 -13.51 2.40 -1.53
C ASP C 89 -13.64 1.87 -2.95
N THR C 90 -14.03 2.72 -3.90
CA THR C 90 -14.04 2.34 -5.31
C THR C 90 -12.64 1.89 -5.73
N ALA C 91 -12.58 0.70 -6.35
CA ALA C 91 -11.32 0.12 -6.80
C ALA C 91 -11.55 -1.27 -7.39
N VAL C 92 -10.59 -1.78 -8.12
CA VAL C 92 -10.53 -3.21 -8.38
C VAL C 92 -9.98 -3.89 -7.13
N TYR C 93 -10.64 -4.95 -6.68
CA TYR C 93 -10.18 -5.72 -5.53
C TYR C 93 -9.61 -7.05 -6.02
N TYR C 94 -8.37 -7.33 -5.60
CA TYR C 94 -7.67 -8.56 -5.89
C TYR C 94 -7.60 -9.41 -4.64
N CYS C 95 -7.82 -10.70 -4.81
CA CYS C 95 -7.54 -11.69 -3.80
C CYS C 95 -6.18 -12.30 -4.10
N ALA C 96 -5.35 -12.45 -3.07
CA ALA C 96 -3.97 -12.88 -3.27
C ALA C 96 -3.58 -13.87 -2.19
N ARG C 97 -2.82 -14.89 -2.59
CA ARG C 97 -2.18 -15.76 -1.62
C ARG C 97 -0.96 -15.06 -1.03
N ASP C 98 -0.81 -15.15 0.29
CA ASP C 98 0.13 -14.34 1.04
C ASP C 98 1.16 -15.28 1.66
N PHE C 99 2.43 -15.06 1.37
CA PHE C 99 3.48 -15.91 1.94
C PHE C 99 3.90 -15.32 3.30
N GLY C 100 3.29 -15.84 4.36
CA GLY C 100 3.70 -15.49 5.71
C GLY C 100 3.53 -14.03 6.06
N ASP C 101 2.54 -13.37 5.48
CA ASP C 101 2.28 -11.95 5.71
C ASP C 101 3.47 -11.10 5.27
N PHE C 102 4.21 -11.59 4.27
CA PHE C 102 5.35 -10.87 3.71
C PHE C 102 5.04 -10.31 2.32
N TYR C 103 4.69 -11.18 1.37
CA TYR C 103 4.50 -10.75 -0.01
C TYR C 103 3.46 -11.64 -0.68
N PHE C 104 3.05 -11.23 -1.87
CA PHE C 104 1.89 -11.78 -2.56
C PHE C 104 2.37 -12.54 -3.78
N ASP C 105 2.46 -13.88 -3.66
CA ASP C 105 3.06 -14.67 -4.72
C ASP C 105 2.06 -15.19 -5.76
N TYR C 106 0.76 -15.07 -5.52
CA TYR C 106 -0.24 -15.42 -6.52
C TYR C 106 -1.44 -14.50 -6.40
N TRP C 107 -1.90 -13.96 -7.52
CA TRP C 107 -3.00 -13.01 -7.57
C TRP C 107 -4.14 -13.55 -8.43
N GLY C 108 -5.37 -13.22 -8.04
CA GLY C 108 -6.52 -13.40 -8.92
C GLY C 108 -6.56 -12.34 -9.99
N GLN C 109 -7.70 -12.28 -10.69
CA GLN C 109 -7.84 -11.37 -11.82
C GLN C 109 -8.46 -10.04 -11.44
N GLY C 110 -9.18 -9.96 -10.32
CA GLY C 110 -9.73 -8.70 -9.86
C GLY C 110 -11.20 -8.51 -10.14
N THR C 111 -11.93 -8.01 -9.15
CA THR C 111 -13.35 -7.71 -9.30
C THR C 111 -13.60 -6.25 -8.92
N LEU C 112 -14.34 -5.54 -9.75
CA LEU C 112 -14.43 -4.08 -9.66
C LEU C 112 -15.56 -3.68 -8.73
N VAL C 113 -15.23 -2.90 -7.69
CA VAL C 113 -16.19 -2.36 -6.76
C VAL C 113 -16.31 -0.87 -7.03
N THR C 114 -17.52 -0.42 -7.38
CA THR C 114 -17.81 0.98 -7.61
C THR C 114 -18.76 1.45 -6.53
N VAL C 115 -18.35 2.47 -5.77
CA VAL C 115 -19.19 3.07 -4.74
C VAL C 115 -19.53 4.48 -5.19
N SER C 116 -20.82 4.76 -5.34
CA SER C 116 -21.26 6.03 -5.88
C SER C 116 -22.76 6.19 -5.67
N SER C 117 -23.18 7.43 -5.44
CA SER C 117 -24.59 7.74 -5.36
C SER C 117 -25.27 7.73 -6.73
N ALA C 118 -24.50 7.88 -7.81
CA ALA C 118 -25.07 7.85 -9.14
C ALA C 118 -25.76 6.51 -9.40
N SER C 119 -26.69 6.53 -10.36
CA SER C 119 -27.56 5.40 -10.63
C SER C 119 -27.22 4.78 -11.98
N THR C 120 -27.52 3.48 -12.09
CA THR C 120 -27.23 2.74 -13.31
C THR C 120 -27.93 3.39 -14.51
N LYS C 121 -27.19 3.50 -15.61
CA LYS C 121 -27.72 4.12 -16.82
C LYS C 121 -26.98 3.54 -18.02
N GLY C 122 -27.73 3.12 -19.03
CA GLY C 122 -27.15 2.56 -20.23
C GLY C 122 -26.65 3.65 -21.15
N PRO C 123 -25.70 3.32 -22.02
CA PRO C 123 -25.13 4.33 -22.90
C PRO C 123 -26.12 4.76 -23.99
N SER C 124 -25.87 5.94 -24.51
CA SER C 124 -26.44 6.35 -25.79
C SER C 124 -25.31 6.29 -26.81
N VAL C 125 -25.56 5.65 -27.94
CA VAL C 125 -24.55 5.42 -28.95
C VAL C 125 -24.86 6.32 -30.13
N PHE C 126 -23.90 7.15 -30.52
CA PHE C 126 -24.05 8.04 -31.65
C PHE C 126 -22.95 7.79 -32.66
N PRO C 127 -23.24 7.89 -33.95
CA PRO C 127 -22.19 7.64 -34.95
C PRO C 127 -21.21 8.80 -35.04
N LEU C 128 -19.99 8.46 -35.46
CA LEU C 128 -18.94 9.40 -35.80
C LEU C 128 -18.67 9.15 -37.28
N ALA C 129 -19.30 9.95 -38.13
CA ALA C 129 -19.39 9.68 -39.56
C ALA C 129 -18.11 10.13 -40.27
N PRO C 130 -17.64 9.34 -41.24
CA PRO C 130 -16.45 9.75 -42.00
C PRO C 130 -16.76 10.96 -42.87
N SER C 131 -15.89 11.96 -42.80
CA SER C 131 -16.09 13.19 -43.58
C SER C 131 -15.73 12.96 -45.03
N SER C 132 -16.43 13.68 -45.92
CA SER C 132 -16.15 13.56 -47.34
C SER C 132 -14.74 14.01 -47.67
N LYS C 133 -14.25 15.03 -46.99
CA LYS C 133 -12.91 15.57 -47.24
C LYS C 133 -11.84 14.52 -47.00
N THR C 135 -10.99 10.54 -46.26
CA THR C 135 -10.32 11.63 -45.54
C THR C 135 -8.91 11.84 -46.08
N SER C 136 -7.95 11.98 -45.16
CA SER C 136 -6.59 12.34 -45.52
C SER C 136 -5.73 11.08 -45.62
N GLY C 137 -5.16 10.85 -46.81
CA GLY C 137 -4.28 9.74 -47.06
C GLY C 137 -4.91 8.56 -47.78
N GLY C 138 -6.13 8.72 -48.30
CA GLY C 138 -6.86 7.59 -48.84
C GLY C 138 -7.50 6.70 -47.79
N THR C 139 -7.26 6.98 -46.51
CA THR C 139 -7.89 6.27 -45.41
C THR C 139 -8.89 7.21 -44.74
N ALA C 140 -9.98 6.65 -44.25
CA ALA C 140 -11.02 7.41 -43.57
C ALA C 140 -11.26 6.83 -42.18
N ALA C 141 -11.51 7.70 -41.21
CA ALA C 141 -11.79 7.29 -39.85
C ALA C 141 -13.29 7.36 -39.57
N LEU C 142 -13.80 6.40 -38.82
CA LEU C 142 -15.20 6.41 -38.40
C LEU C 142 -15.29 5.84 -36.99
N GLY C 143 -16.44 5.99 -36.36
CA GLY C 143 -16.49 5.46 -35.02
C GLY C 143 -17.86 5.55 -34.39
N CYS C 144 -17.89 5.25 -33.10
CA CYS C 144 -19.07 5.37 -32.27
C CYS C 144 -18.72 6.08 -30.98
N LEU C 145 -19.54 7.07 -30.64
CA LEU C 145 -19.48 7.78 -29.37
C LEU C 145 -20.45 7.12 -28.41
N VAL C 146 -19.92 6.49 -27.37
CA VAL C 146 -20.69 5.74 -26.38
C VAL C 146 -20.77 6.61 -25.13
N LYS C 147 -21.84 7.38 -24.99
CA LYS C 147 -21.90 8.49 -24.05
C LYS C 147 -22.85 8.20 -22.90
N ASP C 148 -22.46 8.67 -21.70
CA ASP C 148 -23.36 8.80 -20.55
C ASP C 148 -23.92 7.44 -20.12
N TYR C 149 -23.01 6.56 -19.73
CA TYR C 149 -23.39 5.28 -19.12
C TYR C 149 -22.74 5.15 -17.75
N PHE C 150 -23.28 4.23 -16.95
CA PHE C 150 -22.81 3.99 -15.59
C PHE C 150 -23.40 2.69 -15.07
N PRO C 151 -22.63 1.87 -14.36
CA PRO C 151 -21.20 2.07 -14.11
C PRO C 151 -20.35 1.47 -15.22
N GLU C 152 -19.05 1.35 -15.00
CA GLU C 152 -18.22 0.60 -15.93
C GLU C 152 -18.48 -0.89 -15.73
N PRO C 153 -18.27 -1.71 -16.77
CA PRO C 153 -17.69 -1.47 -18.09
C PRO C 153 -18.69 -1.54 -19.26
N VAL C 154 -18.23 -1.13 -20.43
CA VAL C 154 -18.88 -1.46 -21.69
C VAL C 154 -17.91 -2.31 -22.50
N THR C 155 -18.45 -3.01 -23.48
CA THR C 155 -17.65 -3.66 -24.50
C THR C 155 -18.09 -3.15 -25.86
N VAL C 156 -17.11 -2.85 -26.71
CA VAL C 156 -17.38 -2.41 -28.07
C VAL C 156 -16.68 -3.37 -29.02
N SER C 157 -17.40 -3.81 -30.05
CA SER C 157 -16.80 -4.57 -31.13
C SER C 157 -17.33 -4.01 -32.45
N TRP C 158 -16.65 -4.36 -33.54
CA TRP C 158 -16.99 -3.85 -34.86
C TRP C 158 -17.31 -5.01 -35.78
N ASN C 159 -18.53 -4.98 -36.33
CA ASN C 159 -19.05 -6.08 -37.15
C ASN C 159 -18.93 -7.41 -36.42
N SER C 160 -19.33 -7.40 -35.15
CA SER C 160 -19.42 -8.60 -34.31
C SER C 160 -18.16 -9.45 -34.37
N GLY C 161 -17.00 -8.77 -34.31
CA GLY C 161 -15.71 -9.41 -34.21
C GLY C 161 -14.92 -9.49 -35.50
N ALA C 162 -15.56 -9.31 -36.65
CA ALA C 162 -14.87 -9.49 -37.92
C ALA C 162 -13.81 -8.42 -38.13
N LEU C 163 -14.17 -7.16 -37.90
CA LEU C 163 -13.26 -6.04 -38.12
C LEU C 163 -12.55 -5.71 -36.81
N THR C 164 -11.24 -5.94 -36.77
CA THR C 164 -10.43 -5.56 -35.63
C THR C 164 -9.21 -4.71 -35.99
N SER C 165 -8.75 -4.75 -37.23
CA SER C 165 -7.57 -3.97 -37.62
C SER C 165 -7.89 -2.48 -37.58
N GLY C 166 -7.05 -1.71 -36.90
CA GLY C 166 -7.21 -0.29 -36.82
C GLY C 166 -8.26 0.18 -35.83
N VAL C 167 -8.74 -0.69 -34.95
CA VAL C 167 -9.77 -0.33 -33.98
C VAL C 167 -9.10 0.18 -32.71
N HIS C 168 -9.43 1.39 -32.31
CA HIS C 168 -9.01 1.98 -31.05
C HIS C 168 -10.26 2.24 -30.22
N THR C 169 -10.41 1.52 -29.11
CA THR C 169 -11.50 1.74 -28.16
C THR C 169 -10.89 2.40 -26.93
N PHE C 170 -11.15 3.69 -26.77
CA PHE C 170 -10.42 4.49 -25.80
C PHE C 170 -10.84 4.15 -24.38
N PRO C 171 -9.98 4.41 -23.40
CA PRO C 171 -10.39 4.30 -22.00
C PRO C 171 -11.56 5.22 -21.70
N ALA C 172 -12.44 4.75 -20.83
CA ALA C 172 -13.59 5.54 -20.43
C ALA C 172 -13.17 6.68 -19.51
N VAL C 173 -13.93 7.78 -19.58
CA VAL C 173 -13.64 8.98 -18.83
C VAL C 173 -14.86 9.32 -17.98
N LEU C 174 -14.65 9.59 -16.69
CA LEU C 174 -15.71 10.07 -15.82
C LEU C 174 -15.93 11.56 -15.99
N GLN C 175 -17.14 11.95 -16.37
CA GLN C 175 -17.47 13.36 -16.57
C GLN C 175 -17.98 13.96 -15.26
N SER C 176 -18.30 15.26 -15.30
CA SER C 176 -18.71 15.94 -14.08
C SER C 176 -19.99 15.37 -13.50
N SER C 177 -20.90 14.88 -14.36
CA SER C 177 -22.14 14.32 -13.88
C SER C 177 -21.93 13.02 -13.10
N GLY C 178 -20.80 12.36 -13.28
CA GLY C 178 -20.57 11.05 -12.72
C GLY C 178 -20.86 9.89 -13.64
N LEU C 179 -21.09 10.15 -14.93
CA LEU C 179 -21.33 9.11 -15.91
C LEU C 179 -20.11 8.93 -16.79
N TYR C 180 -19.96 7.74 -17.34
CA TYR C 180 -18.80 7.46 -18.19
C TYR C 180 -19.12 7.76 -19.66
N SER C 181 -18.09 8.20 -20.38
CA SER C 181 -18.20 8.45 -21.81
C SER C 181 -16.98 7.85 -22.48
N LEU C 182 -17.16 7.45 -23.74
CA LEU C 182 -16.16 6.62 -24.41
C LEU C 182 -16.32 6.79 -25.91
N SER C 183 -15.28 6.43 -26.64
CA SER C 183 -15.36 6.40 -28.10
C SER C 183 -14.59 5.21 -28.63
N SER C 184 -15.10 4.67 -29.72
CA SER C 184 -14.43 3.64 -30.50
C SER C 184 -14.27 4.18 -31.92
N VAL C 185 -13.06 4.09 -32.45
CA VAL C 185 -12.78 4.59 -33.80
C VAL C 185 -12.02 3.52 -34.55
N VAL C 186 -12.11 3.57 -35.87
CA VAL C 186 -11.37 2.63 -36.71
C VAL C 186 -11.13 3.29 -38.06
N THR C 187 -9.94 3.06 -38.60
CA THR C 187 -9.51 3.54 -39.90
C THR C 187 -9.75 2.47 -40.95
N VAL C 188 -10.36 2.85 -42.06
CA VAL C 188 -10.70 1.92 -43.14
C VAL C 188 -10.28 2.55 -44.45
N PRO C 189 -10.23 1.81 -45.56
CA PRO C 189 -10.06 2.46 -46.86
C PRO C 189 -11.28 3.30 -47.21
N SER C 190 -11.04 4.47 -47.78
CA SER C 190 -12.15 5.26 -48.28
C SER C 190 -12.88 4.55 -49.42
N SER C 191 -12.13 3.81 -50.25
CA SER C 191 -12.67 2.95 -51.29
C SER C 191 -13.89 2.16 -50.83
N SER C 192 -13.88 1.75 -49.56
CA SER C 192 -14.87 0.83 -49.03
C SER C 192 -16.06 1.52 -48.38
N LEU C 193 -16.16 2.85 -48.47
CA LEU C 193 -17.24 3.54 -47.77
C LEU C 193 -18.60 3.22 -48.38
N GLY C 194 -18.68 3.17 -49.71
CA GLY C 194 -19.94 2.77 -50.34
C GLY C 194 -20.16 1.28 -50.27
N THR C 195 -19.12 0.49 -50.59
CA THR C 195 -19.25 -0.96 -50.65
C THR C 195 -19.53 -1.55 -49.28
N GLN C 196 -18.60 -1.38 -48.34
CA GLN C 196 -18.64 -2.09 -47.07
C GLN C 196 -19.53 -1.36 -46.06
N THR C 197 -20.18 -2.16 -45.20
CA THR C 197 -20.98 -1.67 -44.10
C THR C 197 -20.19 -1.75 -42.80
N TYR C 198 -20.38 -0.75 -41.94
CA TYR C 198 -19.65 -0.65 -40.67
C TYR C 198 -20.67 -0.44 -39.56
N ILE C 199 -20.65 -1.31 -38.56
CA ILE C 199 -21.66 -1.31 -37.49
C ILE C 199 -20.94 -1.61 -36.18
N CYS C 200 -21.17 -0.77 -35.19
CA CYS C 200 -20.56 -1.04 -33.90
C CYS C 200 -21.59 -1.69 -32.97
N ASN C 201 -21.10 -2.65 -32.17
CA ASN C 201 -21.87 -3.47 -31.23
C ASN C 201 -21.40 -3.05 -29.85
N VAL C 202 -22.24 -2.27 -29.17
CA VAL C 202 -21.96 -1.76 -27.83
C VAL C 202 -22.79 -2.57 -26.85
N ASN C 203 -22.14 -3.10 -25.81
CA ASN C 203 -22.81 -3.90 -24.79
C ASN C 203 -22.51 -3.31 -23.43
N HIS C 204 -23.53 -3.20 -22.59
CA HIS C 204 -23.40 -2.69 -21.22
C HIS C 204 -24.31 -3.56 -20.35
N LYS C 205 -23.72 -4.57 -19.74
CA LYS C 205 -24.43 -5.57 -18.96
C LYS C 205 -25.00 -5.07 -17.63
N PRO C 206 -24.37 -4.12 -16.93
CA PRO C 206 -25.00 -3.58 -15.71
C PRO C 206 -26.42 -3.08 -15.93
N SER C 207 -26.76 -2.63 -17.13
CA SER C 207 -28.11 -2.16 -17.45
C SER C 207 -28.77 -2.99 -18.55
N ASN C 208 -28.14 -4.08 -18.97
CA ASN C 208 -28.69 -4.96 -20.02
C ASN C 208 -28.98 -4.18 -21.30
N THR C 209 -28.05 -3.33 -21.69
CA THR C 209 -28.19 -2.56 -22.92
C THR C 209 -27.32 -3.17 -24.02
N LYS C 210 -27.91 -3.38 -25.19
CA LYS C 210 -27.18 -3.84 -26.37
C LYS C 210 -27.62 -2.97 -27.53
N VAL C 211 -26.68 -2.25 -28.12
CA VAL C 211 -26.96 -1.39 -29.26
C VAL C 211 -26.09 -1.81 -30.43
N ASP C 212 -26.68 -1.90 -31.61
CA ASP C 212 -25.97 -2.14 -32.87
C ASP C 212 -26.26 -0.95 -33.77
N LYS C 213 -25.30 -0.05 -33.90
CA LYS C 213 -25.52 1.16 -34.70
C LYS C 213 -24.69 1.11 -35.97
N LYS C 214 -25.38 1.27 -37.10
CA LYS C 214 -24.74 1.37 -38.40
C LYS C 214 -24.16 2.77 -38.57
N VAL C 215 -22.85 2.86 -38.73
CA VAL C 215 -22.15 4.11 -39.01
C VAL C 215 -21.96 4.21 -40.52
N GLU C 216 -22.22 5.38 -41.08
CA GLU C 216 -22.19 5.53 -42.53
C GLU C 216 -22.07 7.01 -42.88
N PRO C 217 -21.55 7.33 -44.07
CA PRO C 217 -21.31 8.74 -44.42
C PRO C 217 -22.60 9.55 -44.45
N LYS C 218 -22.43 10.87 -44.34
CA LYS C 218 -23.54 11.81 -44.29
C LYS C 218 -23.76 12.48 -45.64
N GLU D 1 3.83 4.09 8.56
CA GLU D 1 3.45 4.01 7.16
C GLU D 1 4.63 4.40 6.27
N ILE D 2 5.46 3.41 5.95
CA ILE D 2 6.63 3.65 5.12
C ILE D 2 6.18 3.99 3.71
N VAL D 3 6.71 5.09 3.18
CA VAL D 3 6.37 5.56 1.84
C VAL D 3 7.45 5.09 0.88
N LEU D 4 7.03 4.45 -0.21
CA LEU D 4 7.93 3.99 -1.25
C LEU D 4 7.83 4.92 -2.45
N THR D 5 8.95 5.53 -2.81
CA THR D 5 9.05 6.48 -3.90
C THR D 5 9.76 5.80 -5.06
N GLN D 6 9.08 5.70 -6.19
CA GLN D 6 9.63 5.01 -7.35
C GLN D 6 10.12 6.00 -8.39
N SER D 7 11.20 5.63 -9.08
CA SER D 7 11.85 6.51 -10.02
C SER D 7 12.45 5.71 -11.17
N PRO D 8 12.38 6.22 -12.42
CA PRO D 8 11.61 7.41 -12.79
C PRO D 8 10.11 7.10 -12.85
N GLY D 9 9.28 8.10 -13.12
CA GLY D 9 7.87 7.82 -13.31
C GLY D 9 7.62 7.05 -14.59
N THR D 10 8.23 7.48 -15.69
CA THR D 10 8.17 6.78 -16.96
C THR D 10 9.59 6.58 -17.48
N LEU D 11 9.84 5.39 -18.04
CA LEU D 11 11.14 5.05 -18.60
C LEU D 11 10.92 4.54 -20.02
N SER D 12 11.62 5.13 -20.99
CA SER D 12 11.37 4.89 -22.40
C SER D 12 12.63 4.30 -23.05
N LEU D 13 12.59 3.01 -23.37
CA LEU D 13 13.70 2.30 -23.97
C LEU D 13 13.19 1.47 -25.13
N SER D 14 14.09 0.77 -25.80
CA SER D 14 13.78 -0.11 -26.92
C SER D 14 14.21 -1.54 -26.59
N PRO D 15 13.63 -2.53 -27.28
CA PRO D 15 13.97 -3.94 -26.97
C PRO D 15 15.46 -4.23 -27.16
N GLY D 16 16.00 -5.03 -26.26
CA GLY D 16 17.40 -5.36 -26.24
C GLY D 16 18.22 -4.55 -25.25
N GLU D 17 17.72 -3.39 -24.82
CA GLU D 17 18.46 -2.52 -23.92
C GLU D 17 18.25 -2.93 -22.46
N ARG D 18 18.73 -2.10 -21.56
CA ARG D 18 18.77 -2.38 -20.13
C ARG D 18 17.92 -1.35 -19.39
N ALA D 19 17.08 -1.83 -18.48
CA ALA D 19 16.19 -0.98 -17.69
C ALA D 19 16.59 -1.04 -16.23
N THR D 20 16.72 0.14 -15.62
CA THR D 20 17.09 0.29 -14.20
C THR D 20 15.99 1.10 -13.52
N LEU D 21 15.26 0.45 -12.62
CA LEU D 21 14.13 1.05 -11.92
C LEU D 21 14.47 1.12 -10.44
N SER D 22 14.24 2.26 -9.80
CA SER D 22 14.64 2.46 -8.43
C SER D 22 13.44 2.67 -7.51
N CYS D 23 13.56 2.12 -6.30
CA CYS D 23 12.58 2.27 -5.23
C CYS D 23 13.32 2.80 -4.01
N ARG D 24 12.78 3.82 -3.37
CA ARG D 24 13.43 4.46 -2.23
C ARG D 24 12.44 4.56 -1.09
N ALA D 25 12.86 4.18 0.11
CA ALA D 25 11.95 4.06 1.24
C ALA D 25 12.17 5.19 2.24
N SER D 26 11.08 5.63 2.87
CA SER D 26 11.16 6.66 3.89
C SER D 26 11.80 6.15 5.18
N GLN D 27 11.88 4.82 5.36
CA GLN D 27 12.58 4.23 6.47
C GLN D 27 13.26 2.96 5.99
N SER D 28 14.25 2.50 6.75
CA SER D 28 14.91 1.25 6.44
C SER D 28 13.90 0.11 6.42
N VAL D 29 14.02 -0.76 5.42
CA VAL D 29 13.17 -1.94 5.34
C VAL D 29 14.07 -3.16 5.17
N SER D 30 15.36 -3.00 5.50
CA SER D 30 16.34 -4.07 5.46
C SER D 30 16.37 -4.73 4.09
N SER D 31 16.00 -6.01 4.03
CA SER D 31 15.85 -6.72 2.77
C SER D 31 14.40 -6.98 2.42
N TYR D 32 13.45 -6.46 3.20
CA TYR D 32 12.05 -6.84 3.12
C TYR D 32 11.36 -6.04 2.01
N LEU D 33 11.72 -6.37 0.77
CA LEU D 33 11.30 -5.63 -0.41
C LEU D 33 11.01 -6.61 -1.54
N ALA D 34 9.91 -6.36 -2.26
CA ALA D 34 9.46 -7.21 -3.35
C ALA D 34 9.12 -6.35 -4.56
N TRP D 35 9.17 -6.97 -5.74
CA TRP D 35 8.87 -6.31 -7.00
C TRP D 35 7.78 -7.07 -7.73
N TYR D 36 6.90 -6.32 -8.39
CA TYR D 36 5.77 -6.87 -9.13
C TYR D 36 5.71 -6.25 -10.52
N GLN D 37 5.18 -7.01 -11.46
CA GLN D 37 4.93 -6.57 -12.82
C GLN D 37 3.43 -6.59 -13.09
N GLN D 38 2.93 -5.57 -13.76
CA GLN D 38 1.51 -5.49 -14.12
C GLN D 38 1.39 -4.97 -15.53
N LYS D 39 0.86 -5.82 -16.42
CA LYS D 39 0.49 -5.43 -17.76
C LYS D 39 -0.93 -4.86 -17.74
N PRO D 40 -1.29 -4.05 -18.74
CA PRO D 40 -2.60 -3.38 -18.71
C PRO D 40 -3.75 -4.39 -18.74
N GLY D 41 -4.73 -4.18 -17.87
CA GLY D 41 -5.87 -5.05 -17.78
C GLY D 41 -5.60 -6.38 -17.11
N GLN D 42 -4.38 -6.61 -16.63
CA GLN D 42 -4.02 -7.84 -15.94
C GLN D 42 -3.68 -7.55 -14.48
N ALA D 43 -3.42 -8.62 -13.75
CA ALA D 43 -3.09 -8.54 -12.33
C ALA D 43 -1.58 -8.42 -12.13
N PRO D 44 -1.13 -8.03 -10.94
CA PRO D 44 0.30 -8.08 -10.66
C PRO D 44 0.83 -9.50 -10.66
N ARG D 45 2.09 -9.64 -11.03
CA ARG D 45 2.82 -10.89 -10.93
C ARG D 45 4.06 -10.65 -10.06
N LEU D 46 4.27 -11.51 -9.07
CA LEU D 46 5.47 -11.41 -8.26
C LEU D 46 6.70 -11.73 -9.10
N LEU D 47 7.72 -10.86 -9.01
CA LEU D 47 8.97 -11.05 -9.74
C LEU D 47 10.14 -11.33 -8.79
N ILE D 48 10.30 -10.49 -7.77
CA ILE D 48 11.46 -10.54 -6.88
C ILE D 48 10.96 -10.44 -5.45
N TYR D 49 11.56 -11.22 -4.55
CA TYR D 49 11.29 -11.07 -3.13
C TYR D 49 12.61 -11.12 -2.37
N GLY D 50 12.58 -10.63 -1.13
CA GLY D 50 13.79 -10.53 -0.34
C GLY D 50 14.86 -9.72 -1.06
N ALA D 51 14.43 -8.64 -1.72
CA ALA D 51 15.31 -7.72 -2.43
C ALA D 51 15.98 -8.36 -3.65
N SER D 52 16.32 -9.66 -3.60
CA SER D 52 17.15 -10.23 -4.66
C SER D 52 16.77 -11.62 -5.12
N SER D 53 15.80 -12.30 -4.49
CA SER D 53 15.44 -13.65 -4.89
C SER D 53 14.36 -13.60 -5.97
N ARG D 54 14.55 -14.37 -7.03
CA ARG D 54 13.56 -14.45 -8.09
C ARG D 54 12.44 -15.41 -7.70
N ALA D 55 11.23 -15.08 -8.15
CA ALA D 55 10.11 -15.98 -7.93
C ALA D 55 10.17 -17.14 -8.92
N THR D 56 9.36 -18.18 -8.65
CA THR D 56 9.36 -19.36 -9.50
C THR D 56 9.03 -19.00 -10.94
N GLY D 57 9.91 -19.42 -11.85
CA GLY D 57 9.67 -19.22 -13.28
C GLY D 57 10.01 -17.87 -13.81
N ILE D 58 10.64 -17.00 -13.01
CA ILE D 58 10.99 -15.66 -13.49
C ILE D 58 12.31 -15.73 -14.25
N PRO D 59 12.39 -15.16 -15.45
CA PRO D 59 13.62 -15.28 -16.25
C PRO D 59 14.82 -14.65 -15.57
N ASP D 60 16.00 -15.01 -16.07
CA ASP D 60 17.25 -14.57 -15.46
C ASP D 60 17.56 -13.10 -15.71
N ARG D 61 16.95 -12.49 -16.72
CA ARG D 61 17.22 -11.09 -17.01
C ARG D 61 16.63 -10.15 -15.98
N PHE D 62 15.68 -10.62 -15.18
CA PHE D 62 15.13 -9.85 -14.07
C PHE D 62 16.00 -10.07 -12.85
N SER D 63 16.42 -8.99 -12.19
CA SER D 63 17.18 -9.16 -10.96
C SER D 63 17.05 -7.92 -10.09
N GLY D 64 16.88 -8.14 -8.79
CA GLY D 64 16.83 -7.07 -7.83
C GLY D 64 18.15 -6.94 -7.09
N SER D 65 18.44 -5.71 -6.65
CA SER D 65 19.57 -5.44 -5.77
C SER D 65 19.19 -4.30 -4.84
N GLY D 66 20.05 -4.04 -3.88
CA GLY D 66 19.82 -2.98 -2.92
C GLY D 66 19.44 -3.51 -1.56
N SER D 67 19.25 -2.57 -0.64
CA SER D 67 18.90 -2.87 0.74
C SER D 67 18.60 -1.59 1.52
N GLY D 68 18.33 -1.74 2.82
CA GLY D 68 18.08 -0.60 3.68
C GLY D 68 17.03 0.36 3.17
N THR D 69 17.43 1.35 2.40
CA THR D 69 16.51 2.36 1.90
C THR D 69 16.50 2.49 0.39
N ASP D 70 17.40 1.84 -0.33
CA ASP D 70 17.46 1.98 -1.78
C ASP D 70 17.48 0.62 -2.44
N PHE D 71 16.59 0.42 -3.42
CA PHE D 71 16.46 -0.83 -4.11
C PHE D 71 16.37 -0.57 -5.60
N THR D 72 16.83 -1.54 -6.39
CA THR D 72 16.85 -1.43 -7.84
C THR D 72 16.38 -2.74 -8.45
N LEU D 73 15.50 -2.62 -9.43
CA LEU D 73 15.14 -3.72 -10.32
C LEU D 73 15.83 -3.47 -11.66
N THR D 74 16.49 -4.50 -12.18
CA THR D 74 17.22 -4.40 -13.43
C THR D 74 16.72 -5.47 -14.37
N ILE D 75 16.31 -5.05 -15.57
CA ILE D 75 15.88 -5.94 -16.64
C ILE D 75 16.90 -5.78 -17.75
N SER D 76 17.67 -6.84 -18.00
CA SER D 76 18.94 -6.77 -18.70
C SER D 76 18.80 -6.75 -20.22
N ARG D 77 17.99 -7.65 -20.77
CA ARG D 77 17.87 -7.81 -22.23
C ARG D 77 16.38 -7.71 -22.59
N LEU D 78 15.88 -6.46 -22.60
CA LEU D 78 14.45 -6.21 -22.72
C LEU D 78 13.86 -6.88 -23.94
N GLU D 79 12.65 -7.42 -23.76
CA GLU D 79 11.85 -8.06 -24.79
C GLU D 79 10.48 -7.42 -24.81
N PRO D 80 9.78 -7.45 -25.95
CA PRO D 80 8.48 -6.76 -26.05
C PRO D 80 7.54 -7.04 -24.88
N GLU D 81 7.47 -8.28 -24.41
CA GLU D 81 6.57 -8.63 -23.32
C GLU D 81 6.99 -8.02 -21.99
N ASP D 82 8.14 -7.35 -21.92
CA ASP D 82 8.66 -6.81 -20.67
C ASP D 82 8.20 -5.38 -20.40
N PHE D 83 7.51 -4.74 -21.33
CA PHE D 83 7.09 -3.36 -21.15
C PHE D 83 5.73 -3.34 -20.48
N ALA D 84 5.69 -2.81 -19.27
CA ALA D 84 4.58 -2.92 -18.34
C ALA D 84 4.84 -1.92 -17.21
N VAL D 85 4.09 -2.03 -16.13
CA VAL D 85 4.27 -1.20 -14.94
C VAL D 85 4.91 -2.06 -13.87
N TYR D 86 5.84 -1.47 -13.11
CA TYR D 86 6.56 -2.22 -12.09
C TYR D 86 6.37 -1.55 -10.74
N TYR D 87 6.01 -2.35 -9.74
CA TYR D 87 5.72 -1.87 -8.40
C TYR D 87 6.72 -2.47 -7.42
N CYS D 88 7.12 -1.69 -6.43
CA CYS D 88 7.82 -2.24 -5.28
C CYS D 88 6.88 -2.30 -4.08
N GLN D 89 7.23 -3.15 -3.13
CA GLN D 89 6.38 -3.38 -1.96
C GLN D 89 7.27 -3.76 -0.79
N GLN D 90 7.21 -2.99 0.29
CA GLN D 90 7.95 -3.34 1.48
C GLN D 90 7.09 -4.17 2.41
N TYR D 91 7.75 -5.06 3.16
CA TYR D 91 7.12 -5.78 4.25
C TYR D 91 7.99 -5.76 5.49
N GLY D 92 8.72 -4.66 5.69
CA GLY D 92 9.53 -4.51 6.87
C GLY D 92 8.71 -4.09 8.07
N SER D 93 7.72 -3.23 7.84
CA SER D 93 6.86 -2.72 8.90
C SER D 93 5.40 -2.81 8.46
N SER D 94 4.52 -2.99 9.44
CA SER D 94 3.13 -2.96 9.00
C SER D 94 2.58 -1.55 9.15
N PRO D 95 1.70 -1.08 8.23
CA PRO D 95 1.12 -1.79 7.08
C PRO D 95 2.07 -1.95 5.89
N ARG D 96 1.89 -3.02 5.13
CA ARG D 96 2.67 -3.19 3.91
C ARG D 96 2.24 -2.16 2.88
N THR D 97 3.19 -1.63 2.12
CA THR D 97 2.94 -0.51 1.23
C THR D 97 3.57 -0.76 -0.13
N PHE D 98 2.97 -0.17 -1.16
CA PHE D 98 3.50 -0.20 -2.52
C PHE D 98 4.03 1.17 -2.92
N GLY D 99 4.93 1.17 -3.89
CA GLY D 99 5.26 2.38 -4.60
C GLY D 99 4.14 2.74 -5.55
N GLN D 100 4.29 3.89 -6.21
CA GLN D 100 3.29 4.37 -7.15
C GLN D 100 3.53 3.90 -8.57
N GLY D 101 4.57 3.11 -8.81
CA GLY D 101 4.75 2.47 -10.10
C GLY D 101 5.73 3.21 -10.98
N THR D 102 6.45 2.45 -11.80
CA THR D 102 7.28 2.98 -12.89
C THR D 102 6.81 2.32 -14.18
N LYS D 103 6.42 3.13 -15.14
CA LYS D 103 5.94 2.60 -16.42
C LYS D 103 7.09 2.51 -17.41
N LEU D 104 7.22 1.35 -18.05
CA LEU D 104 8.26 1.07 -19.03
C LEU D 104 7.59 1.00 -20.39
N GLU D 105 7.88 1.96 -21.25
CA GLU D 105 7.26 2.06 -22.57
C GLU D 105 8.30 1.87 -23.66
N ILE D 106 7.85 1.34 -24.80
CA ILE D 106 8.74 1.11 -25.93
C ILE D 106 9.03 2.43 -26.63
N LYS D 107 10.31 2.71 -26.85
CA LYS D 107 10.74 3.90 -27.58
C LYS D 107 10.84 3.58 -29.07
N ARG D 108 10.14 4.36 -29.88
CA ARG D 108 10.24 4.16 -31.33
C ARG D 108 10.67 5.46 -32.00
N THR D 109 10.68 5.48 -33.34
CA THR D 109 10.94 6.72 -34.05
C THR D 109 9.71 7.62 -33.99
N VAL D 110 9.94 8.93 -34.06
CA VAL D 110 8.83 9.88 -33.98
C VAL D 110 7.86 9.63 -35.12
N ALA D 111 6.59 9.53 -34.79
CA ALA D 111 5.51 9.40 -35.77
C ALA D 111 4.51 10.51 -35.54
N ALA D 112 4.16 11.23 -36.61
CA ALA D 112 3.20 12.29 -36.48
C ALA D 112 1.78 11.75 -36.45
N PRO D 113 0.87 12.41 -35.74
CA PRO D 113 -0.53 11.96 -35.75
C PRO D 113 -1.21 12.33 -37.05
N SER D 114 -2.08 11.44 -37.52
CA SER D 114 -3.07 11.86 -38.51
C SER D 114 -4.29 12.35 -37.73
N VAL D 115 -4.88 13.45 -38.20
CA VAL D 115 -5.87 14.17 -37.40
C VAL D 115 -7.21 14.12 -38.11
N PHE D 116 -8.27 13.87 -37.34
CA PHE D 116 -9.63 13.88 -37.86
C PHE D 116 -10.53 14.62 -36.88
N ILE D 117 -11.63 15.17 -37.40
CA ILE D 117 -12.63 15.85 -36.59
C ILE D 117 -14.02 15.35 -37.01
N PHE D 118 -14.90 15.21 -36.02
CA PHE D 118 -16.24 14.69 -36.21
C PHE D 118 -17.23 15.67 -35.62
N PRO D 119 -18.14 16.22 -36.41
CA PRO D 119 -19.25 17.01 -35.89
C PRO D 119 -20.24 16.13 -35.17
N PRO D 120 -21.12 16.70 -34.34
CA PRO D 120 -22.13 15.88 -33.65
C PRO D 120 -23.16 15.34 -34.64
N SER D 121 -23.62 14.13 -34.37
CA SER D 121 -24.68 13.55 -35.17
C SER D 121 -25.97 14.33 -34.98
N ASP D 122 -26.85 14.27 -36.00
CA ASP D 122 -28.17 14.88 -35.89
C ASP D 122 -28.94 14.25 -34.74
N GLU D 123 -28.79 12.93 -34.56
CA GLU D 123 -29.52 12.21 -33.52
C GLU D 123 -29.17 12.73 -32.14
N GLN D 124 -27.88 12.97 -31.88
CA GLN D 124 -27.49 13.52 -30.59
C GLN D 124 -28.00 14.94 -30.41
N LEU D 125 -27.95 15.75 -31.47
CA LEU D 125 -28.48 17.11 -31.39
C LEU D 125 -29.95 17.12 -31.00
N LYS D 126 -30.71 16.14 -31.49
CA LYS D 126 -32.11 16.03 -31.07
C LYS D 126 -32.24 15.89 -29.56
N SER D 127 -31.25 15.29 -28.90
CA SER D 127 -31.31 15.07 -27.46
C SER D 127 -30.95 16.31 -26.65
N GLY D 128 -30.42 17.35 -27.29
CA GLY D 128 -30.11 18.58 -26.60
C GLY D 128 -28.66 18.79 -26.20
N THR D 129 -27.75 17.92 -26.64
CA THR D 129 -26.33 18.05 -26.35
C THR D 129 -25.56 17.82 -27.65
N ALA D 130 -24.39 18.46 -27.75
CA ALA D 130 -23.52 18.32 -28.91
C ALA D 130 -22.13 17.92 -28.44
N SER D 131 -21.61 16.84 -29.00
CA SER D 131 -20.27 16.36 -28.71
C SER D 131 -19.46 16.40 -29.99
N VAL D 132 -18.39 17.20 -29.98
CA VAL D 132 -17.45 17.33 -31.08
C VAL D 132 -16.22 16.49 -30.73
N VAL D 133 -15.76 15.68 -31.66
CA VAL D 133 -14.65 14.77 -31.35
C VAL D 133 -13.48 15.05 -32.28
N CYS D 134 -12.28 15.10 -31.71
CA CYS D 134 -11.04 15.21 -32.47
C CYS D 134 -10.19 13.99 -32.18
N LEU D 135 -9.72 13.32 -33.22
CA LEU D 135 -8.94 12.10 -33.11
C LEU D 135 -7.53 12.33 -33.63
N LEU D 136 -6.54 11.97 -32.80
CA LEU D 136 -5.13 11.99 -33.14
C LEU D 136 -4.69 10.52 -33.24
N ASN D 137 -4.49 10.05 -34.47
CA ASN D 137 -4.28 8.64 -34.74
C ASN D 137 -2.80 8.34 -34.95
N ASN D 138 -2.30 7.35 -34.22
CA ASN D 138 -1.06 6.63 -34.51
C ASN D 138 0.16 7.58 -34.53
N PHE D 139 0.50 8.04 -33.34
CA PHE D 139 1.61 8.97 -33.17
C PHE D 139 2.53 8.49 -32.05
N TYR D 140 3.72 9.07 -32.01
CA TYR D 140 4.68 8.85 -30.94
C TYR D 140 5.68 10.01 -30.93
N PRO D 141 6.10 10.52 -29.76
CA PRO D 141 5.79 10.11 -28.38
C PRO D 141 4.38 10.47 -27.89
N ARG D 142 4.03 10.10 -26.66
CA ARG D 142 2.65 10.25 -26.20
C ARG D 142 2.25 11.72 -26.02
N GLU D 143 3.21 12.59 -25.75
CA GLU D 143 2.88 13.98 -25.43
C GLU D 143 2.43 14.72 -26.68
N ALA D 144 1.26 15.36 -26.58
CA ALA D 144 0.68 16.10 -27.69
C ALA D 144 -0.25 17.16 -27.12
N LYS D 145 -0.31 18.31 -27.77
CA LYS D 145 -1.19 19.39 -27.31
C LYS D 145 -2.36 19.52 -28.27
N VAL D 146 -3.57 19.35 -27.75
CA VAL D 146 -4.80 19.57 -28.49
C VAL D 146 -5.48 20.80 -27.92
N GLN D 147 -6.03 21.63 -28.80
CA GLN D 147 -6.46 22.97 -28.44
C GLN D 147 -7.68 23.30 -29.28
N TRP D 148 -8.80 23.58 -28.62
CA TRP D 148 -10.06 23.81 -29.31
C TRP D 148 -10.25 25.28 -29.63
N LYS D 149 -10.60 25.57 -30.88
CA LYS D 149 -10.81 26.93 -31.33
C LYS D 149 -12.18 27.01 -31.99
N VAL D 150 -13.09 27.69 -31.32
CA VAL D 150 -14.46 27.87 -31.76
C VAL D 150 -14.59 29.30 -32.25
N ASP D 151 -14.80 29.47 -33.56
CA ASP D 151 -14.80 30.78 -34.22
C ASP D 151 -13.54 31.57 -33.85
N ASN D 152 -12.40 30.86 -33.83
CA ASN D 152 -11.07 31.37 -33.53
C ASN D 152 -10.86 31.68 -32.05
N ALA D 153 -11.87 31.57 -31.21
CA ALA D 153 -11.68 31.75 -29.77
C ALA D 153 -11.18 30.47 -29.13
N LEU D 154 -10.19 30.60 -28.27
CA LEU D 154 -9.66 29.45 -27.54
C LEU D 154 -10.67 29.00 -26.49
N GLN D 155 -11.08 27.73 -26.56
CA GLN D 155 -12.14 27.20 -25.70
C GLN D 155 -11.52 26.37 -24.59
N SER D 156 -11.63 26.85 -23.36
CA SER D 156 -11.08 26.18 -22.21
C SER D 156 -12.19 25.60 -21.33
N GLY D 157 -11.86 24.51 -20.64
CA GLY D 157 -12.68 23.98 -19.56
C GLY D 157 -13.80 23.04 -19.96
N ASN D 158 -14.03 22.82 -21.26
CA ASN D 158 -15.22 22.11 -21.72
C ASN D 158 -14.88 20.84 -22.50
N SER D 159 -13.70 20.26 -22.29
CA SER D 159 -13.22 19.17 -23.13
C SER D 159 -12.49 18.15 -22.27
N GLN D 160 -12.38 16.93 -22.82
CA GLN D 160 -11.76 15.83 -22.09
C GLN D 160 -10.98 14.94 -23.05
N GLU D 161 -9.81 14.49 -22.60
CA GLU D 161 -8.91 13.68 -23.41
C GLU D 161 -8.89 12.24 -22.92
N SER D 162 -8.67 11.33 -23.86
CA SER D 162 -8.43 9.92 -23.56
C SER D 162 -7.34 9.41 -24.48
N VAL D 163 -6.51 8.51 -23.97
CA VAL D 163 -5.36 7.99 -24.70
C VAL D 163 -5.33 6.48 -24.59
N THR D 164 -5.15 5.79 -25.72
CA THR D 164 -4.99 4.35 -25.71
C THR D 164 -3.68 3.95 -25.04
N GLU D 165 -3.62 2.71 -24.58
CA GLU D 165 -2.33 2.12 -24.25
C GLU D 165 -1.50 1.95 -25.53
N GLN D 166 -0.19 1.83 -25.34
CA GLN D 166 0.71 1.74 -26.48
C GLN D 166 0.40 0.51 -27.32
N ASP D 167 0.24 0.71 -28.62
CA ASP D 167 -0.11 -0.38 -29.52
C ASP D 167 0.95 -1.47 -29.47
N SER D 168 0.52 -2.72 -29.31
CA SER D 168 1.46 -3.82 -29.16
C SER D 168 2.29 -4.06 -30.41
N LYS D 169 1.80 -3.64 -31.58
CA LYS D 169 2.46 -3.95 -32.85
C LYS D 169 3.35 -2.83 -33.36
N ASP D 170 2.85 -1.60 -33.43
CA ASP D 170 3.64 -0.47 -33.90
C ASP D 170 4.05 0.50 -32.80
N SER D 171 3.68 0.24 -31.55
CA SER D 171 4.12 1.01 -30.39
C SER D 171 3.67 2.47 -30.44
N THR D 172 2.58 2.77 -31.14
CA THR D 172 2.09 4.15 -31.23
C THR D 172 0.97 4.37 -30.23
N TYR D 173 0.53 5.63 -30.14
CA TYR D 173 -0.58 6.02 -29.29
C TYR D 173 -1.70 6.63 -30.12
N SER D 174 -2.90 6.60 -29.57
CA SER D 174 -4.03 7.32 -30.12
C SER D 174 -4.64 8.20 -29.04
N LEU D 175 -5.17 9.34 -29.44
CA LEU D 175 -5.76 10.31 -28.52
C LEU D 175 -7.10 10.77 -29.05
N SER D 176 -8.03 11.01 -28.13
CA SER D 176 -9.29 11.65 -28.46
C SER D 176 -9.48 12.84 -27.54
N SER D 177 -9.86 13.96 -28.12
CA SER D 177 -10.30 15.14 -27.40
C SER D 177 -11.77 15.35 -27.70
N THR D 178 -12.60 15.48 -26.67
CA THR D 178 -14.04 15.61 -26.85
C THR D 178 -14.50 16.91 -26.22
N LEU D 179 -15.11 17.76 -27.05
CA LEU D 179 -15.66 19.05 -26.65
C LEU D 179 -17.18 18.91 -26.54
N THR D 180 -17.72 19.15 -25.35
CA THR D 180 -19.15 18.97 -25.12
C THR D 180 -19.82 20.32 -24.84
N LEU D 181 -20.91 20.57 -25.55
CA LEU D 181 -21.67 21.81 -25.43
C LEU D 181 -23.15 21.45 -25.35
N SER D 182 -23.95 22.37 -24.82
CA SER D 182 -25.39 22.20 -25.02
C SER D 182 -25.74 22.59 -26.45
N LYS D 183 -26.89 22.10 -26.92
CA LYS D 183 -27.34 22.44 -28.27
C LYS D 183 -27.49 23.95 -28.43
N ALA D 184 -27.99 24.62 -27.39
CA ALA D 184 -28.13 26.07 -27.43
C ALA D 184 -26.78 26.75 -27.62
N ASP D 185 -25.75 26.31 -26.90
CA ASP D 185 -24.41 26.87 -27.09
C ASP D 185 -23.77 26.41 -28.39
N TYR D 186 -24.04 25.17 -28.81
CA TYR D 186 -23.47 24.67 -30.06
C TYR D 186 -23.96 25.48 -31.25
N GLU D 187 -25.19 25.98 -31.20
CA GLU D 187 -25.74 26.73 -32.32
C GLU D 187 -25.49 28.23 -32.21
N LYS D 188 -24.67 28.66 -31.26
CA LYS D 188 -24.21 30.04 -31.19
C LYS D 188 -22.87 30.27 -31.89
N HIS D 189 -22.32 29.23 -32.51
CA HIS D 189 -21.00 29.31 -33.13
C HIS D 189 -21.05 28.72 -34.53
N LYS D 190 -20.05 29.06 -35.34
CA LYS D 190 -19.99 28.61 -36.73
C LYS D 190 -18.86 27.63 -37.00
N VAL D 191 -17.63 27.99 -36.68
CA VAL D 191 -16.46 27.17 -37.02
C VAL D 191 -15.97 26.46 -35.77
N TYR D 192 -15.84 25.13 -35.86
CA TYR D 192 -15.24 24.32 -34.80
C TYR D 192 -13.93 23.74 -35.34
N ALA D 193 -12.82 24.06 -34.66
CA ALA D 193 -11.50 23.65 -35.09
C ALA D 193 -10.76 22.95 -33.97
N CYS D 194 -10.13 21.83 -34.30
CA CYS D 194 -9.20 21.14 -33.45
C CYS D 194 -7.79 21.46 -33.95
N GLU D 195 -6.95 22.01 -33.07
CA GLU D 195 -5.58 22.37 -33.41
C GLU D 195 -4.62 21.50 -32.60
N VAL D 196 -3.66 20.89 -33.27
CA VAL D 196 -2.82 19.84 -32.72
C VAL D 196 -1.36 20.20 -32.94
N THR D 197 -0.57 20.13 -31.87
CA THR D 197 0.87 20.27 -31.97
C THR D 197 1.55 19.05 -31.37
N HIS D 198 2.65 18.66 -32.00
CA HIS D 198 3.35 17.42 -31.70
C HIS D 198 4.78 17.54 -32.21
N GLN D 199 5.66 16.68 -31.69
CA GLN D 199 7.06 16.71 -32.10
C GLN D 199 7.21 16.37 -33.58
N GLY D 200 6.35 15.50 -34.10
CA GLY D 200 6.43 15.09 -35.49
C GLY D 200 5.80 16.03 -36.48
N LEU D 201 5.35 17.20 -36.06
CA LEU D 201 4.74 18.18 -36.95
C LEU D 201 5.65 19.41 -37.04
N SER D 202 5.92 19.84 -38.27
CA SER D 202 6.75 21.03 -38.46
C SER D 202 6.04 22.29 -37.98
N SER D 203 4.71 22.30 -38.07
CA SER D 203 3.88 23.41 -37.59
C SER D 203 2.50 22.84 -37.31
N PRO D 204 1.73 23.44 -36.40
CA PRO D 204 0.49 22.81 -35.93
C PRO D 204 -0.46 22.46 -37.08
N VAL D 205 -1.27 21.43 -36.85
CA VAL D 205 -2.28 20.99 -37.80
C VAL D 205 -3.65 21.34 -37.25
N THR D 206 -4.48 21.98 -38.07
CA THR D 206 -5.84 22.29 -37.71
C THR D 206 -6.80 21.56 -38.64
N LYS D 207 -7.77 20.87 -38.06
CA LYS D 207 -8.90 20.34 -38.80
C LYS D 207 -10.16 21.03 -38.29
N SER D 208 -11.03 21.45 -39.19
CA SER D 208 -12.18 22.25 -38.76
C SER D 208 -13.38 21.94 -39.63
N PHE D 209 -14.54 22.36 -39.13
CA PHE D 209 -15.79 22.24 -39.88
C PHE D 209 -16.67 23.42 -39.54
N ASN D 210 -17.62 23.69 -40.44
CA ASN D 210 -18.60 24.74 -40.27
C ASN D 210 -19.93 24.11 -39.89
N ARG D 211 -20.54 24.62 -38.82
CA ARG D 211 -21.80 24.06 -38.34
C ARG D 211 -22.86 24.10 -39.43
N GLY D 212 -23.48 22.96 -39.69
CA GLY D 212 -24.58 22.88 -40.62
C GLY D 212 -24.18 22.87 -42.08
N GLU D 213 -23.15 22.11 -42.42
CA GLU D 213 -22.76 21.90 -43.82
C GLU D 213 -22.33 20.46 -44.06
#